data_2V3C
#
_entry.id   2V3C
#
_cell.length_a   70.286
_cell.length_b   129.402
_cell.length_c   163.417
_cell.angle_alpha   90.00
_cell.angle_beta   90.00
_cell.angle_gamma   90.00
#
_symmetry.space_group_name_H-M   'P 21 21 21'
#
loop_
_entity.id
_entity.type
_entity.pdbx_description
1 polymer 'SIGNAL RECOGNITION PARTICLE 19 KDA PROTEIN'
2 polymer 'SIGNAL RECOGNITION 54 KDA PROTEIN'
3 polymer '7S RNA'
4 water water
#
loop_
_entity_poly.entity_id
_entity_poly.type
_entity_poly.pdbx_seq_one_letter_code
_entity_poly.pdbx_strand_id
1 'polypeptide(L)'
;MIIWPSYIDKKKSRREGRKVPEELAIEKPSLKDIEKALKKLGLEPKIYRDKRYPRQHWEICGCVEVDYKGNKLQLLKEIC
KIIKGKN
;
A,B
2 'polypeptide(L)'
;MDKLGENLNKALNKLKAAAFVDKKLIKEVIKDIQRALIQADVNVKLVLKMSKEIERRALEEKTPKGLSKKEHIIKIVYEE
LVKLLGEEAKKLELNPKKQNVILLVGIQGSGKTTTAAKLARYIQKRGLKPALIAADTYRPAAYEQLKQLAEKIHVPIYGD
ETRTKSPVDIVKEGMEKFKKADVLIIDTAGRHKEEKGLLEEMKQIKEITNPDEIILVIDGTIGQQAGIQAKAFKEAVGEI
GSIIVTKLDGSAKGGGALSAVAETKAPIKFIGIGEGIDDLEPFDPKKFISRLLGMGDLESLLEKAEDMVDEKTEESIDAI
MRGKFTLNELMTQLEAIENMGSMKKILSMIPGFGGAMPKELSHLTEAKIKKYKVIISSMTKEERENPKIIKASRIRRIAR
GSGTTENDVREVLRYYETTKNAIDKLHHHHHH
;
C,D
3 'polyribonucleotide'
;GGCGGUGGGGGAGCAUCUCCUGUAGGGGAGAUGUAACCCCCUUUACCUGCCGAACCCCGCCAGGCCCGGAAGGGAGCAAC
GGUAGGCAGGACGUCG
;
M,N
#
loop_
_chem_comp.id
_chem_comp.type
_chem_comp.name
_chem_comp.formula
A RNA linking ADENOSINE-5'-MONOPHOSPHATE 'C10 H14 N5 O7 P'
C RNA linking CYTIDINE-5'-MONOPHOSPHATE 'C9 H14 N3 O8 P'
G RNA linking GUANOSINE-5'-MONOPHOSPHATE 'C10 H14 N5 O8 P'
U RNA linking URIDINE-5'-MONOPHOSPHATE 'C9 H13 N2 O9 P'
#
# COMPACT_ATOMS: atom_id res chain seq x y z
N MET A 1 -37.06 39.30 52.89
CA MET A 1 -36.51 38.84 51.60
C MET A 1 -36.54 39.89 50.53
N ILE A 2 -35.93 39.56 49.40
CA ILE A 2 -35.84 40.50 48.30
C ILE A 2 -36.60 39.88 47.17
N ILE A 3 -37.21 40.72 46.35
CA ILE A 3 -37.97 40.20 45.24
C ILE A 3 -37.51 40.96 44.01
N TRP A 4 -36.95 40.27 43.06
CA TRP A 4 -36.43 41.01 42.00
C TRP A 4 -37.44 40.90 40.89
N PRO A 5 -37.65 42.00 40.21
CA PRO A 5 -38.53 42.05 39.09
C PRO A 5 -38.34 40.84 38.20
N SER A 6 -37.11 40.34 38.10
CA SER A 6 -36.85 39.36 37.10
C SER A 6 -37.50 38.03 37.45
N TYR A 7 -37.88 37.86 38.70
CA TYR A 7 -38.40 36.58 38.99
C TYR A 7 -39.57 36.33 38.09
N ILE A 8 -40.45 37.31 37.97
CA ILE A 8 -41.77 37.11 37.37
C ILE A 8 -42.02 37.79 36.04
N ASP A 9 -40.98 37.94 35.22
CA ASP A 9 -41.02 38.59 33.90
C ASP A 9 -41.24 37.61 32.74
N LYS A 10 -42.50 37.50 32.34
CA LYS A 10 -42.89 36.62 31.26
C LYS A 10 -41.90 36.76 30.14
N LYS A 11 -41.33 37.95 29.93
CA LYS A 11 -40.39 38.13 28.81
C LYS A 11 -38.99 37.55 29.09
N LYS A 12 -38.54 37.61 30.33
CA LYS A 12 -37.20 37.16 30.58
C LYS A 12 -37.27 35.72 30.60
N SER A 13 -36.13 35.05 30.53
CA SER A 13 -36.09 33.60 30.52
C SER A 13 -35.64 33.07 31.84
N ARG A 14 -35.59 31.76 31.98
CA ARG A 14 -35.27 31.16 33.27
C ARG A 14 -33.86 31.57 33.68
N ARG A 15 -32.89 31.37 32.80
CA ARG A 15 -31.48 31.66 33.06
C ARG A 15 -31.25 33.11 33.37
N GLU A 16 -32.16 33.93 32.86
CA GLU A 16 -32.15 35.36 32.99
C GLU A 16 -32.91 35.66 34.24
N GLY A 17 -33.21 34.66 35.04
CA GLY A 17 -33.83 34.95 36.32
C GLY A 17 -35.28 34.62 36.67
N ARG A 18 -36.07 34.11 35.74
CA ARG A 18 -37.45 33.84 36.07
C ARG A 18 -37.61 32.74 37.09
N LYS A 19 -38.62 32.78 37.94
CA LYS A 19 -38.86 31.61 38.81
C LYS A 19 -40.28 31.08 38.69
N VAL A 20 -41.19 31.86 38.16
CA VAL A 20 -42.52 31.33 38.06
C VAL A 20 -42.61 30.83 36.67
N PRO A 21 -43.46 29.85 36.43
CA PRO A 21 -43.66 29.25 35.11
C PRO A 21 -44.30 30.20 34.17
N GLU A 22 -44.47 29.86 32.90
CA GLU A 22 -45.08 30.73 31.90
C GLU A 22 -46.43 31.33 32.35
N GLU A 23 -47.35 30.50 32.82
CA GLU A 23 -48.67 30.92 33.24
C GLU A 23 -48.65 32.24 33.92
N LEU A 24 -48.19 32.17 35.16
CA LEU A 24 -48.06 33.28 36.07
C LEU A 24 -46.80 33.85 35.64
N ALA A 25 -46.80 34.87 34.82
CA ALA A 25 -45.54 35.54 34.62
C ALA A 25 -46.02 36.76 33.96
N ILE A 26 -46.18 37.78 34.76
CA ILE A 26 -46.68 39.01 34.27
C ILE A 26 -45.78 39.65 33.24
N GLU A 27 -46.41 40.31 32.26
CA GLU A 27 -45.71 41.02 31.21
C GLU A 27 -45.36 42.33 31.82
N LYS A 28 -44.10 42.72 31.70
CA LYS A 28 -43.63 43.99 32.25
C LYS A 28 -43.97 44.11 33.72
N PRO A 29 -43.27 43.40 34.58
CA PRO A 29 -43.49 43.58 36.03
C PRO A 29 -42.93 44.89 36.54
N SER A 30 -43.74 45.60 37.31
CA SER A 30 -43.37 46.88 37.90
C SER A 30 -43.32 46.65 39.39
N LEU A 31 -42.62 47.54 40.07
CA LEU A 31 -42.41 47.44 41.49
C LEU A 31 -43.71 47.73 42.10
N LYS A 32 -44.45 48.67 41.50
CA LYS A 32 -45.80 49.08 41.97
C LYS A 32 -46.59 47.84 42.12
N ASP A 33 -46.67 47.12 40.99
CA ASP A 33 -47.36 45.85 40.84
C ASP A 33 -46.98 44.93 41.95
N ILE A 34 -45.71 45.00 42.31
CA ILE A 34 -45.20 44.05 43.26
C ILE A 34 -45.59 44.53 44.58
N GLU A 35 -45.12 45.72 44.92
CA GLU A 35 -45.47 46.33 46.18
C GLU A 35 -46.94 46.10 46.47
N LYS A 36 -47.78 46.50 45.55
CA LYS A 36 -49.18 46.42 45.77
C LYS A 36 -49.59 45.03 46.16
N ALA A 37 -49.19 44.07 45.38
CA ALA A 37 -49.59 42.71 45.65
C ALA A 37 -49.30 42.42 47.08
N LEU A 38 -48.06 42.23 47.48
CA LEU A 38 -47.79 41.96 48.90
C LEU A 38 -48.64 42.77 49.84
N LYS A 39 -49.13 43.95 49.48
CA LYS A 39 -49.96 44.65 50.46
C LYS A 39 -51.25 43.89 50.65
N LYS A 40 -52.01 43.68 49.59
CA LYS A 40 -53.20 42.89 49.77
C LYS A 40 -52.93 41.62 50.66
N LEU A 41 -51.71 41.08 50.60
CA LEU A 41 -51.39 39.85 51.31
C LEU A 41 -50.99 39.98 52.74
N GLY A 42 -51.10 41.17 53.29
CA GLY A 42 -50.82 41.40 54.71
C GLY A 42 -49.34 41.57 55.06
N LEU A 43 -48.55 41.91 54.02
CA LEU A 43 -47.11 42.13 54.16
C LEU A 43 -46.82 43.57 54.11
N GLU A 44 -45.63 43.94 54.57
CA GLU A 44 -45.26 45.33 54.63
C GLU A 44 -43.92 45.55 53.91
N PRO A 45 -44.02 45.80 52.59
CA PRO A 45 -42.87 45.96 51.70
C PRO A 45 -42.34 47.35 51.40
N LYS A 46 -41.03 47.42 51.07
CA LYS A 46 -40.36 48.68 50.77
C LYS A 46 -39.62 48.61 49.47
N ILE A 47 -39.69 49.69 48.69
CA ILE A 47 -39.10 49.67 47.35
C ILE A 47 -37.70 50.29 47.33
N TYR A 48 -36.85 49.70 46.54
CA TYR A 48 -35.57 50.32 46.39
C TYR A 48 -35.47 50.50 44.94
N ARG A 49 -35.81 51.70 44.45
CA ARG A 49 -35.96 51.90 43.00
C ARG A 49 -34.66 51.76 42.24
N ASP A 50 -33.56 51.71 42.99
CA ASP A 50 -32.26 51.79 42.38
C ASP A 50 -31.27 50.69 42.76
N LYS A 51 -31.71 49.44 42.75
CA LYS A 51 -30.79 48.33 42.96
C LYS A 51 -30.77 47.63 41.65
N ARG A 52 -29.81 46.69 41.47
CA ARG A 52 -29.63 45.98 40.22
C ARG A 52 -29.36 44.47 40.42
N TYR A 53 -29.80 43.64 39.49
CA TYR A 53 -29.69 42.19 39.65
C TYR A 53 -28.44 41.98 38.90
N PRO A 54 -27.54 41.27 39.55
CA PRO A 54 -26.25 41.02 38.94
C PRO A 54 -26.54 40.53 37.55
N ARG A 55 -27.49 39.60 37.40
CA ARG A 55 -27.70 39.08 36.07
C ARG A 55 -27.97 40.16 34.98
N GLN A 56 -28.41 41.33 35.37
CA GLN A 56 -28.61 42.41 34.43
C GLN A 56 -28.02 43.56 35.14
N HIS A 57 -26.79 43.36 35.60
CA HIS A 57 -26.08 44.39 36.34
C HIS A 57 -26.17 45.70 35.68
N TRP A 58 -26.33 45.76 34.39
CA TRP A 58 -26.31 47.09 33.78
C TRP A 58 -27.62 47.82 33.89
N GLU A 59 -28.64 47.27 34.53
CA GLU A 59 -29.94 47.96 34.53
C GLU A 59 -30.62 48.07 35.90
N ILE A 60 -30.86 49.30 36.36
CA ILE A 60 -31.54 49.62 37.62
C ILE A 60 -32.95 49.20 37.49
N CYS A 61 -33.19 48.02 38.02
CA CYS A 61 -34.43 47.34 37.95
C CYS A 61 -35.13 47.39 39.34
N GLY A 62 -34.32 47.55 40.39
CA GLY A 62 -34.78 47.80 41.74
C GLY A 62 -35.31 46.55 42.31
N CYS A 63 -35.42 46.42 43.62
CA CYS A 63 -36.16 45.31 44.10
C CYS A 63 -37.05 45.75 45.23
N VAL A 64 -37.86 44.85 45.72
CA VAL A 64 -38.70 45.18 46.85
C VAL A 64 -38.37 44.18 47.90
N GLU A 65 -38.12 44.66 49.08
CA GLU A 65 -37.84 43.79 50.22
C GLU A 65 -39.05 43.63 51.16
N VAL A 66 -39.34 42.40 51.56
CA VAL A 66 -40.39 42.13 52.55
C VAL A 66 -39.87 41.26 53.70
N ASP A 67 -40.34 41.42 54.91
CA ASP A 67 -39.86 40.45 55.85
C ASP A 67 -40.92 39.43 55.94
N TYR A 68 -40.63 38.24 55.46
CA TYR A 68 -41.51 37.08 55.40
C TYR A 68 -40.66 35.84 55.72
N LYS A 69 -41.18 34.95 56.53
CA LYS A 69 -40.48 33.73 56.86
C LYS A 69 -41.19 32.53 56.29
N GLY A 70 -41.51 32.52 54.99
CA GLY A 70 -42.21 31.39 54.40
C GLY A 70 -41.59 31.09 53.07
N ASN A 71 -42.14 30.13 52.33
CA ASN A 71 -41.56 29.83 51.06
C ASN A 71 -41.58 31.03 50.14
N LYS A 72 -40.47 31.25 49.48
CA LYS A 72 -40.42 32.36 48.60
C LYS A 72 -41.10 31.90 47.35
N LEU A 73 -40.89 30.64 46.98
CA LEU A 73 -41.40 30.24 45.72
C LEU A 73 -42.87 30.52 45.63
N GLN A 74 -43.65 30.12 46.62
CA GLN A 74 -45.09 30.30 46.57
C GLN A 74 -45.54 31.78 46.89
N LEU A 75 -44.74 32.54 47.58
CA LEU A 75 -45.08 33.94 47.64
C LEU A 75 -45.07 34.49 46.23
N LEU A 76 -44.12 34.02 45.46
CA LEU A 76 -43.93 34.50 44.15
C LEU A 76 -45.09 34.11 43.27
N LYS A 77 -45.49 32.87 43.44
CA LYS A 77 -46.65 32.41 42.74
C LYS A 77 -47.77 33.27 43.28
N GLU A 78 -47.78 33.51 44.61
CA GLU A 78 -48.81 34.31 45.26
C GLU A 78 -48.94 35.71 44.66
N ILE A 79 -47.86 36.28 44.19
CA ILE A 79 -47.88 37.64 43.75
C ILE A 79 -48.36 37.75 42.32
N CYS A 80 -47.93 36.81 41.49
CA CYS A 80 -48.37 36.76 40.10
C CYS A 80 -49.87 36.49 39.91
N LYS A 81 -50.42 35.63 40.73
CA LYS A 81 -51.83 35.34 40.64
C LYS A 81 -52.62 36.63 40.86
N ILE A 82 -52.20 37.41 41.84
CA ILE A 82 -52.90 38.63 42.18
C ILE A 82 -52.78 39.61 41.07
N ILE A 83 -51.70 39.54 40.31
CA ILE A 83 -51.50 40.54 39.30
C ILE A 83 -52.21 40.30 37.98
N LYS A 84 -52.45 39.04 37.64
CA LYS A 84 -53.11 38.77 36.39
C LYS A 84 -54.55 39.22 36.48
N GLY A 85 -55.12 39.19 37.66
CA GLY A 85 -56.48 39.63 37.83
C GLY A 85 -56.49 41.05 38.36
N LYS A 86 -56.59 42.03 37.46
CA LYS A 86 -56.49 43.41 37.88
C LYS A 86 -57.36 44.41 37.12
N ASN A 87 -58.68 44.25 37.30
CA ASN A 87 -59.71 45.16 36.77
C ASN A 87 -59.34 45.78 35.43
N MET B 1 39.84 -16.87 -62.19
CA MET B 1 39.05 -16.04 -61.25
C MET B 1 37.62 -15.94 -61.69
N ILE B 2 36.72 -15.82 -60.74
CA ILE B 2 35.31 -15.76 -61.12
C ILE B 2 34.85 -14.31 -61.31
N ILE B 3 34.09 -14.03 -62.35
CA ILE B 3 33.67 -12.66 -62.51
C ILE B 3 32.24 -12.90 -62.45
N TRP B 4 31.62 -12.58 -61.30
CA TRP B 4 30.20 -12.73 -61.20
C TRP B 4 29.56 -11.50 -61.74
N PRO B 5 28.38 -11.66 -62.30
CA PRO B 5 27.71 -10.56 -62.93
C PRO B 5 27.51 -9.46 -61.94
N SER B 6 27.24 -9.73 -60.68
CA SER B 6 27.07 -8.68 -59.69
C SER B 6 28.19 -7.64 -59.69
N TYR B 7 29.40 -8.06 -60.01
CA TYR B 7 30.49 -7.15 -59.79
C TYR B 7 30.37 -5.85 -60.55
N ILE B 8 29.52 -5.76 -61.59
CA ILE B 8 29.45 -4.59 -62.46
C ILE B 8 28.00 -4.21 -62.76
N ASP B 9 27.12 -4.45 -61.79
CA ASP B 9 25.69 -4.19 -61.88
C ASP B 9 25.20 -2.81 -61.32
N LYS B 10 25.44 -1.73 -62.05
CA LYS B 10 24.99 -0.38 -61.69
C LYS B 10 23.74 -0.40 -60.80
N LYS B 11 22.82 -1.32 -61.07
CA LYS B 11 21.61 -1.38 -60.28
C LYS B 11 21.83 -2.26 -59.05
N LYS B 12 22.94 -2.06 -58.37
CA LYS B 12 23.28 -2.91 -57.25
C LYS B 12 24.23 -2.18 -56.31
N SER B 13 24.21 -2.56 -55.03
CA SER B 13 25.08 -1.87 -54.06
C SER B 13 26.41 -2.51 -53.75
N ARG B 14 27.29 -1.77 -53.08
CA ARG B 14 28.53 -2.39 -52.67
C ARG B 14 28.23 -3.57 -51.73
N ARG B 15 27.36 -3.42 -50.75
CA ARG B 15 27.09 -4.57 -49.89
C ARG B 15 26.41 -5.67 -50.62
N GLU B 16 25.83 -5.41 -51.79
CA GLU B 16 25.07 -6.39 -52.63
C GLU B 16 26.00 -7.11 -53.64
N GLY B 17 27.01 -6.45 -54.13
CA GLY B 17 27.99 -7.13 -54.94
C GLY B 17 28.91 -6.31 -55.85
N ARG B 18 28.65 -5.02 -55.98
CA ARG B 18 29.36 -4.17 -56.93
C ARG B 18 30.77 -3.88 -56.56
N LYS B 19 31.71 -3.96 -57.51
CA LYS B 19 33.08 -3.50 -57.15
C LYS B 19 33.58 -2.41 -58.01
N VAL B 20 32.74 -1.89 -58.91
CA VAL B 20 33.19 -0.83 -59.78
C VAL B 20 32.22 0.31 -59.53
N PRO B 21 32.67 1.54 -59.70
CA PRO B 21 31.85 2.72 -59.47
C PRO B 21 30.68 2.86 -60.41
N GLU B 22 29.79 3.76 -60.11
CA GLU B 22 28.62 3.82 -60.93
C GLU B 22 28.97 4.47 -62.25
N GLU B 23 29.92 5.40 -62.21
CA GLU B 23 30.35 6.15 -63.39
C GLU B 23 31.03 5.20 -64.39
N LEU B 24 30.84 3.91 -64.17
CA LEU B 24 31.58 2.96 -64.98
C LEU B 24 30.90 1.58 -65.06
N ALA B 25 29.98 1.31 -64.15
CA ALA B 25 29.28 0.06 -64.11
C ALA B 25 28.31 0.15 -65.24
N ILE B 26 27.62 -0.96 -65.50
CA ILE B 26 26.63 -1.05 -66.59
C ILE B 26 25.24 -1.60 -66.16
N GLU B 27 24.19 -1.20 -66.90
CA GLU B 27 22.82 -1.58 -66.58
C GLU B 27 22.53 -2.90 -67.22
N LYS B 28 22.20 -3.92 -66.44
CA LYS B 28 21.92 -5.23 -67.03
C LYS B 28 23.14 -5.91 -67.70
N PRO B 29 24.11 -6.29 -66.89
CA PRO B 29 25.29 -6.97 -67.40
C PRO B 29 24.81 -8.31 -67.84
N SER B 30 25.26 -8.82 -68.99
CA SER B 30 24.87 -10.14 -69.45
C SER B 30 26.12 -11.04 -69.45
N LEU B 31 25.93 -12.36 -69.41
CA LEU B 31 27.04 -13.29 -69.38
C LEU B 31 27.86 -13.25 -70.67
N LYS B 32 27.32 -12.61 -71.70
CA LYS B 32 27.96 -12.66 -73.00
C LYS B 32 28.89 -11.54 -73.14
N ASP B 33 28.51 -10.38 -72.63
CA ASP B 33 29.36 -9.20 -72.76
C ASP B 33 30.62 -9.31 -71.98
N ILE B 34 30.64 -10.16 -70.98
CA ILE B 34 31.85 -10.32 -70.18
C ILE B 34 32.74 -11.35 -70.82
N GLU B 35 32.10 -12.31 -71.50
CA GLU B 35 32.85 -13.34 -72.12
C GLU B 35 33.52 -12.66 -73.27
N LYS B 36 32.80 -11.86 -74.06
CA LYS B 36 33.36 -11.18 -75.23
C LYS B 36 34.39 -10.15 -74.82
N ALA B 37 34.06 -9.27 -73.88
CA ALA B 37 35.04 -8.31 -73.43
C ALA B 37 36.29 -9.07 -73.07
N LEU B 38 36.24 -9.93 -72.07
CA LEU B 38 37.44 -10.75 -71.77
C LEU B 38 38.00 -11.40 -73.01
N LYS B 39 37.30 -11.29 -74.12
CA LYS B 39 37.80 -11.94 -75.32
C LYS B 39 38.77 -10.99 -75.97
N LYS B 40 38.33 -9.76 -76.19
CA LYS B 40 39.18 -8.80 -76.84
C LYS B 40 40.44 -8.54 -76.04
N LEU B 41 40.74 -9.39 -75.07
CA LEU B 41 41.93 -9.22 -74.26
C LEU B 41 42.69 -10.53 -74.23
N GLY B 42 42.35 -11.40 -75.16
CA GLY B 42 43.06 -12.65 -75.34
C GLY B 42 43.04 -13.61 -74.19
N LEU B 43 41.87 -13.72 -73.55
CA LEU B 43 41.69 -14.67 -72.47
C LEU B 43 40.69 -15.78 -72.90
N GLU B 44 40.85 -16.93 -72.28
CA GLU B 44 40.04 -18.05 -72.59
C GLU B 44 39.07 -18.28 -71.46
N PRO B 45 38.00 -17.52 -71.45
CA PRO B 45 36.97 -17.64 -70.42
C PRO B 45 35.87 -18.61 -70.81
N LYS B 46 35.29 -19.29 -69.81
CA LYS B 46 34.13 -20.14 -70.06
C LYS B 46 33.00 -19.78 -69.14
N ILE B 47 31.79 -19.61 -69.70
CA ILE B 47 30.61 -19.18 -68.95
C ILE B 47 29.94 -20.30 -68.19
N TYR B 48 29.32 -19.99 -67.05
CA TYR B 48 28.64 -21.04 -66.31
C TYR B 48 27.31 -20.50 -65.95
N ARG B 49 26.30 -20.88 -66.71
CA ARG B 49 25.00 -20.29 -66.55
C ARG B 49 24.28 -20.79 -65.31
N ASP B 50 24.74 -21.88 -64.71
CA ASP B 50 23.99 -22.43 -63.58
C ASP B 50 24.52 -22.14 -62.17
N LYS B 51 25.58 -21.37 -62.05
CA LYS B 51 26.11 -21.03 -60.74
C LYS B 51 25.44 -19.73 -60.24
N ARG B 52 25.54 -19.46 -58.95
CA ARG B 52 24.81 -18.40 -58.32
C ARG B 52 25.61 -17.76 -57.21
N TYR B 53 25.43 -16.47 -57.05
CA TYR B 53 26.16 -15.68 -56.09
C TYR B 53 25.49 -15.84 -54.73
N PRO B 54 26.30 -16.22 -53.76
CA PRO B 54 25.78 -16.47 -52.46
C PRO B 54 24.98 -15.32 -52.06
N ARG B 55 25.49 -14.11 -52.18
CA ARG B 55 24.68 -13.00 -51.72
C ARG B 55 23.34 -12.88 -52.45
N GLN B 56 23.09 -13.66 -53.48
CA GLN B 56 21.80 -13.60 -54.13
C GLN B 56 21.57 -14.91 -54.62
N HIS B 57 21.90 -15.86 -53.75
CA HIS B 57 21.77 -17.30 -53.91
C HIS B 57 20.55 -17.75 -54.60
N TRP B 58 19.58 -16.86 -54.67
CA TRP B 58 18.33 -17.31 -55.25
C TRP B 58 18.38 -17.06 -56.74
N GLU B 59 18.96 -15.95 -57.15
CA GLU B 59 18.93 -15.68 -58.56
C GLU B 59 19.91 -16.58 -59.31
N ILE B 60 19.55 -16.96 -60.52
CA ILE B 60 20.51 -17.77 -61.24
C ILE B 60 21.07 -16.84 -62.23
N CYS B 61 22.19 -16.20 -61.88
CA CYS B 61 22.84 -15.22 -62.72
C CYS B 61 24.05 -15.75 -63.48
N GLY B 62 24.54 -16.92 -63.07
CA GLY B 62 25.59 -17.59 -63.83
C GLY B 62 26.86 -16.88 -63.68
N CYS B 63 27.91 -17.28 -64.37
CA CYS B 63 29.16 -16.54 -64.22
C CYS B 63 30.36 -16.96 -65.07
N VAL B 64 31.15 -15.96 -65.52
CA VAL B 64 32.30 -16.17 -66.38
C VAL B 64 33.58 -16.40 -65.61
N GLU B 65 34.12 -17.60 -65.77
CA GLU B 65 35.34 -18.00 -65.09
C GLU B 65 36.46 -17.88 -66.10
N VAL B 66 37.46 -17.04 -65.80
CA VAL B 66 38.58 -16.88 -66.71
C VAL B 66 39.82 -17.22 -65.90
N ASP B 67 40.97 -17.16 -66.52
CA ASP B 67 42.21 -17.44 -65.84
C ASP B 67 43.20 -16.32 -66.10
N TYR B 68 43.25 -15.37 -65.20
CA TYR B 68 44.02 -14.17 -65.37
C TYR B 68 44.80 -14.14 -64.09
N LYS B 69 45.87 -13.36 -64.07
CA LYS B 69 46.82 -13.31 -62.99
C LYS B 69 46.84 -11.95 -62.31
N GLY B 70 46.82 -10.89 -63.13
CA GLY B 70 46.89 -9.54 -62.59
C GLY B 70 45.79 -9.15 -61.63
N ASN B 71 45.66 -7.84 -61.44
CA ASN B 71 44.60 -7.31 -60.62
C ASN B 71 43.28 -7.76 -61.16
N LYS B 72 42.41 -8.19 -60.28
CA LYS B 72 41.04 -8.44 -60.68
C LYS B 72 40.36 -7.06 -60.75
N LEU B 73 40.62 -6.20 -59.79
CA LEU B 73 39.87 -4.97 -59.80
C LEU B 73 40.06 -4.35 -61.19
N GLN B 74 41.33 -4.24 -61.54
CA GLN B 74 41.77 -3.71 -62.80
C GLN B 74 41.05 -4.33 -63.98
N LEU B 75 41.16 -5.64 -64.11
CA LEU B 75 40.45 -6.31 -65.15
C LEU B 75 39.03 -5.80 -65.19
N LEU B 76 38.32 -6.01 -64.09
CA LEU B 76 36.91 -5.62 -63.87
C LEU B 76 36.67 -4.26 -64.42
N LYS B 77 37.58 -3.38 -64.12
CA LYS B 77 37.46 -2.05 -64.60
C LYS B 77 37.55 -2.18 -66.09
N GLU B 78 38.58 -2.85 -66.56
CA GLU B 78 38.67 -3.00 -67.98
C GLU B 78 37.34 -3.48 -68.61
N ILE B 79 36.99 -4.74 -68.41
CA ILE B 79 35.79 -5.27 -69.03
C ILE B 79 34.72 -4.25 -69.13
N CYS B 80 34.44 -3.58 -68.03
CA CYS B 80 33.40 -2.56 -67.99
C CYS B 80 33.50 -1.55 -69.13
N LYS B 81 34.66 -0.89 -69.21
CA LYS B 81 34.88 0.10 -70.23
C LYS B 81 34.66 -0.48 -71.60
N ILE B 82 35.19 -1.67 -71.84
CA ILE B 82 34.96 -2.31 -73.14
C ILE B 82 33.47 -2.50 -73.38
N ILE B 83 32.77 -2.92 -72.33
CA ILE B 83 31.38 -3.25 -72.51
C ILE B 83 30.64 -2.02 -72.82
N LYS B 84 31.13 -0.90 -72.32
CA LYS B 84 30.43 0.32 -72.55
C LYS B 84 30.89 0.98 -73.80
N GLY B 85 32.20 0.96 -73.99
CA GLY B 85 32.87 1.67 -75.08
C GLY B 85 32.52 1.47 -76.54
N LYS B 86 31.83 0.39 -76.89
CA LYS B 86 31.49 0.16 -78.30
C LYS B 86 30.05 0.48 -78.70
N ASN B 87 29.90 1.48 -79.56
CA ASN B 87 28.59 1.87 -80.07
C ASN B 87 27.83 0.72 -80.71
N MET C 1 -0.12 12.72 34.90
CA MET C 1 -0.69 12.62 33.53
C MET C 1 -1.90 13.52 33.35
N ASP C 2 -2.96 13.18 34.08
CA ASP C 2 -4.17 13.98 34.05
C ASP C 2 -4.37 14.51 35.48
N LYS C 3 -3.86 13.77 36.45
CA LYS C 3 -3.95 14.19 37.85
C LYS C 3 -2.94 15.29 38.13
N LEU C 4 -1.88 15.29 37.36
CA LEU C 4 -0.90 16.34 37.43
C LEU C 4 -1.65 17.59 37.00
N GLY C 5 -2.25 17.55 35.81
CA GLY C 5 -3.00 18.68 35.28
C GLY C 5 -4.14 18.94 36.22
N GLU C 6 -4.48 17.88 36.94
CA GLU C 6 -5.50 17.95 37.98
C GLU C 6 -4.94 18.64 39.20
N ASN C 7 -4.05 17.99 39.94
CA ASN C 7 -3.59 18.58 41.20
C ASN C 7 -2.82 19.87 41.00
N LEU C 8 -2.43 20.14 39.76
CA LEU C 8 -1.60 21.30 39.45
C LEU C 8 -2.32 22.62 39.30
N ASN C 9 -3.25 22.71 38.34
CA ASN C 9 -4.11 23.88 38.07
C ASN C 9 -4.82 24.35 39.32
N LYS C 10 -4.69 23.54 40.36
CA LYS C 10 -5.27 23.84 41.65
C LYS C 10 -4.41 24.86 42.37
N ALA C 11 -3.24 25.15 41.82
CA ALA C 11 -2.32 26.15 42.40
C ALA C 11 -2.40 27.49 41.65
N LEU C 12 -2.36 27.44 40.32
CA LEU C 12 -2.65 28.60 39.49
C LEU C 12 -3.99 29.09 40.00
N ASN C 13 -4.88 28.12 40.26
CA ASN C 13 -6.15 28.42 40.85
C ASN C 13 -5.94 29.36 42.01
N LYS C 14 -5.30 28.86 43.07
CA LYS C 14 -5.04 29.64 44.28
C LYS C 14 -4.85 31.12 43.99
N LEU C 15 -4.21 31.42 42.87
CA LEU C 15 -4.00 32.82 42.48
C LEU C 15 -5.26 33.43 41.84
N LYS C 16 -5.98 34.19 42.67
CA LYS C 16 -7.23 34.81 42.30
C LYS C 16 -7.06 36.32 42.11
N ALA C 17 -6.93 37.04 43.22
CA ALA C 17 -6.76 38.48 43.20
C ALA C 17 -7.08 39.02 44.60
N ALA C 18 -8.13 38.46 45.20
CA ALA C 18 -8.61 38.88 46.52
C ALA C 18 -7.57 39.66 47.33
N ALA C 19 -6.71 38.91 48.01
CA ALA C 19 -5.67 39.53 48.81
C ALA C 19 -4.37 39.48 48.02
N PHE C 20 -4.17 40.50 47.19
CA PHE C 20 -2.96 40.62 46.37
C PHE C 20 -1.73 40.17 47.16
N VAL C 21 -0.93 39.31 46.53
CA VAL C 21 0.28 38.77 47.14
C VAL C 21 1.13 39.76 47.92
N ASP C 22 1.54 39.37 49.13
CA ASP C 22 2.41 40.25 49.88
C ASP C 22 3.77 40.12 49.21
N LYS C 23 4.23 38.87 49.11
CA LYS C 23 5.51 38.55 48.50
C LYS C 23 5.83 37.09 48.80
N LYS C 24 4.95 36.43 49.55
CA LYS C 24 5.11 35.03 49.95
C LYS C 24 4.02 34.11 49.41
N LEU C 25 2.80 34.65 49.24
CA LEU C 25 1.65 33.85 48.72
C LEU C 25 2.10 33.03 47.55
N ILE C 26 3.08 33.54 46.84
CA ILE C 26 3.68 32.79 45.77
C ILE C 26 4.16 31.46 46.35
N LYS C 27 4.90 31.51 47.44
CA LYS C 27 5.42 30.29 48.04
C LYS C 27 4.35 29.23 48.30
N GLU C 28 3.21 29.62 48.85
CA GLU C 28 2.12 28.69 49.14
C GLU C 28 1.67 27.92 47.88
N VAL C 29 2.12 28.38 46.71
CA VAL C 29 1.78 27.73 45.47
C VAL C 29 2.93 26.85 45.10
N ILE C 30 4.13 27.43 45.16
CA ILE C 30 5.36 26.73 44.78
C ILE C 30 5.47 25.34 45.40
N LYS C 31 5.56 25.32 46.72
CA LYS C 31 5.65 24.05 47.41
C LYS C 31 4.67 23.04 46.86
N ASP C 32 3.53 23.50 46.35
CA ASP C 32 2.61 22.53 45.84
C ASP C 32 2.64 22.40 44.31
N ILE C 33 3.13 23.43 43.63
CA ILE C 33 3.21 23.37 42.20
C ILE C 33 4.16 22.27 41.98
N GLN C 34 5.12 22.23 42.88
CA GLN C 34 6.22 21.32 42.75
C GLN C 34 5.81 19.93 43.15
N ARG C 35 5.08 19.82 44.25
CA ARG C 35 4.70 18.48 44.66
C ARG C 35 3.77 17.80 43.67
N ALA C 36 3.00 18.60 42.92
CA ALA C 36 2.22 18.05 41.83
C ALA C 36 3.24 17.33 40.95
N LEU C 37 4.32 18.05 40.64
CA LEU C 37 5.40 17.56 39.79
C LEU C 37 6.12 16.34 40.32
N ILE C 38 6.61 16.41 41.56
CA ILE C 38 7.22 15.23 42.18
C ILE C 38 6.22 14.10 42.15
N GLN C 39 5.03 14.35 42.65
CA GLN C 39 4.07 13.30 42.72
C GLN C 39 3.81 12.86 41.31
N ALA C 40 4.08 13.70 40.33
CA ALA C 40 3.87 13.27 38.96
C ALA C 40 5.17 12.70 38.47
N ASP C 41 5.90 12.17 39.46
CA ASP C 41 7.21 11.56 39.29
C ASP C 41 8.06 12.30 38.32
N VAL C 42 8.56 13.42 38.78
CA VAL C 42 9.50 14.22 38.02
C VAL C 42 10.77 14.20 38.84
N ASN C 43 11.93 14.16 38.18
CA ASN C 43 13.17 13.98 38.95
C ASN C 43 13.41 15.02 40.01
N VAL C 44 13.08 14.71 41.24
CA VAL C 44 13.12 15.76 42.24
C VAL C 44 14.04 16.92 41.88
N LYS C 45 15.32 16.63 41.69
CA LYS C 45 16.33 17.67 41.49
C LYS C 45 15.93 18.65 40.38
N LEU C 46 15.11 18.18 39.47
CA LEU C 46 14.67 19.08 38.45
C LEU C 46 13.68 20.03 39.08
N VAL C 47 12.84 19.50 39.96
CA VAL C 47 11.77 20.28 40.59
C VAL C 47 12.24 21.39 41.50
N LEU C 48 13.28 21.11 42.30
CA LEU C 48 13.78 22.06 43.30
C LEU C 48 14.39 23.34 42.73
N LYS C 49 14.83 23.24 41.47
CA LYS C 49 15.37 24.34 40.69
C LYS C 49 14.18 25.08 40.19
N MET C 50 13.35 24.35 39.46
CA MET C 50 12.09 24.89 39.00
C MET C 50 11.50 25.76 40.09
N SER C 51 11.52 25.27 41.32
CA SER C 51 10.98 26.05 42.41
C SER C 51 11.81 27.30 42.73
N LYS C 52 13.08 27.28 42.37
CA LYS C 52 13.91 28.41 42.76
C LYS C 52 13.82 29.54 41.74
N GLU C 53 13.70 29.16 40.48
CA GLU C 53 13.62 30.14 39.42
C GLU C 53 12.28 30.87 39.38
N ILE C 54 11.47 30.69 40.42
CA ILE C 54 10.21 31.42 40.51
C ILE C 54 10.44 32.40 41.64
N GLU C 55 11.21 31.94 42.61
CA GLU C 55 11.66 32.78 43.69
C GLU C 55 12.40 33.94 43.02
N ARG C 56 13.59 33.64 42.50
CA ARG C 56 14.41 34.62 41.79
C ARG C 56 13.72 34.94 40.49
N ARG C 57 12.60 35.61 40.58
CA ARG C 57 11.91 35.97 39.37
C ARG C 57 10.64 36.61 39.81
N ALA C 58 9.92 35.97 40.70
CA ALA C 58 8.62 36.53 40.99
C ALA C 58 8.38 36.88 42.42
N LEU C 59 9.42 37.24 43.13
CA LEU C 59 9.23 37.74 44.47
C LEU C 59 10.54 38.39 44.63
N GLU C 60 10.97 38.92 43.51
CA GLU C 60 12.22 39.61 43.47
C GLU C 60 12.05 40.75 42.52
N GLU C 61 12.29 40.49 41.24
CA GLU C 61 12.17 41.52 40.24
C GLU C 61 10.67 41.71 39.94
N LYS C 62 9.84 40.87 40.58
CA LYS C 62 8.40 40.96 40.34
C LYS C 62 7.88 42.31 40.75
N THR C 63 6.67 42.51 40.41
CA THR C 63 6.06 43.77 40.50
C THR C 63 5.02 43.55 39.43
N PRO C 64 3.83 44.12 39.42
CA PRO C 64 2.96 43.83 38.30
C PRO C 64 3.81 43.86 37.02
N LYS C 65 5.00 44.45 37.10
CA LYS C 65 5.93 44.52 35.96
C LYS C 65 5.47 43.60 34.88
N GLY C 66 4.64 44.16 33.98
CA GLY C 66 4.01 43.42 32.92
C GLY C 66 2.49 43.30 33.11
N LEU C 67 1.97 42.20 32.58
CA LEU C 67 0.55 41.89 32.61
C LEU C 67 -0.07 41.82 34.01
N SER C 68 0.19 42.83 34.83
CA SER C 68 -0.45 42.91 36.13
C SER C 68 -0.09 41.77 37.05
N LYS C 69 -0.72 41.72 38.22
CA LYS C 69 -0.32 40.78 39.29
C LYS C 69 -0.46 39.29 39.05
N LYS C 70 -1.46 38.70 39.69
CA LYS C 70 -1.67 37.27 39.59
C LYS C 70 -1.32 36.83 38.19
N GLU C 71 -1.74 37.59 37.19
CA GLU C 71 -1.47 37.21 35.81
C GLU C 71 -0.02 36.79 35.67
N HIS C 72 0.88 37.58 36.26
CA HIS C 72 2.33 37.38 36.09
C HIS C 72 2.80 36.06 36.62
N ILE C 73 2.76 35.89 37.92
CA ILE C 73 3.26 34.66 38.49
C ILE C 73 2.62 33.45 37.78
N ILE C 74 1.37 33.61 37.39
CA ILE C 74 0.61 32.57 36.67
C ILE C 74 1.22 32.48 35.30
N LYS C 75 2.07 33.46 34.96
CA LYS C 75 2.80 33.47 33.69
C LYS C 75 4.20 32.93 33.88
N ILE C 76 4.90 33.42 34.89
CA ILE C 76 6.23 32.91 35.16
C ILE C 76 6.18 31.42 35.32
N VAL C 77 5.30 30.92 36.17
CA VAL C 77 5.20 29.46 36.31
C VAL C 77 5.21 28.77 34.96
N TYR C 78 4.37 29.28 34.07
CA TYR C 78 4.15 28.67 32.79
C TYR C 78 5.39 28.66 31.95
N GLU C 79 5.85 29.87 31.66
CA GLU C 79 6.98 30.09 30.75
C GLU C 79 8.15 29.26 31.20
N GLU C 80 8.16 28.95 32.48
CA GLU C 80 9.23 28.13 32.97
C GLU C 80 8.81 26.69 32.97
N LEU C 81 7.67 26.38 33.56
CA LEU C 81 7.22 24.99 33.59
C LEU C 81 7.48 24.39 32.23
N VAL C 82 7.05 25.09 31.19
CA VAL C 82 7.26 24.59 29.84
C VAL C 82 8.71 24.19 29.63
N LYS C 83 9.62 25.14 29.70
CA LYS C 83 11.04 24.89 29.46
C LYS C 83 11.48 23.55 30.11
N LEU C 84 10.75 23.15 31.15
CA LEU C 84 11.03 21.88 31.77
C LEU C 84 10.67 20.79 30.78
N LEU C 85 9.42 20.76 30.35
CA LEU C 85 8.92 19.73 29.46
C LEU C 85 9.57 19.76 28.12
N GLY C 86 10.44 20.74 27.89
CA GLY C 86 11.11 20.81 26.61
C GLY C 86 11.24 22.23 26.16
N GLU C 87 12.43 22.56 25.71
CA GLU C 87 12.73 23.86 25.13
C GLU C 87 11.86 24.09 23.90
N GLU C 88 12.24 23.40 22.82
CA GLU C 88 11.57 23.43 21.52
C GLU C 88 12.53 22.84 20.48
N ALA C 89 12.07 21.86 19.71
CA ALA C 89 12.87 21.23 18.66
C ALA C 89 12.03 20.16 17.99
N LYS C 90 10.72 20.32 18.07
CA LYS C 90 9.80 19.35 17.50
C LYS C 90 9.79 19.32 15.99
N LYS C 91 10.70 20.00 15.34
CA LYS C 91 10.54 20.17 13.91
C LYS C 91 10.82 18.94 13.05
N LEU C 92 10.16 17.83 13.31
CA LEU C 92 10.43 16.65 12.50
C LEU C 92 10.52 16.90 10.98
N GLU C 93 11.75 17.07 10.50
CA GLU C 93 12.07 17.25 9.07
C GLU C 93 11.25 16.24 8.32
N LEU C 94 11.28 16.24 6.98
CA LEU C 94 10.39 15.39 6.14
C LEU C 94 11.08 14.58 5.04
N ASN C 95 11.25 15.19 3.86
CA ASN C 95 11.98 14.58 2.74
C ASN C 95 12.42 15.62 1.69
N PRO C 96 13.69 16.02 1.78
CA PRO C 96 14.27 17.02 0.89
C PRO C 96 13.98 16.76 -0.57
N LYS C 97 13.69 15.52 -0.91
CA LYS C 97 13.42 15.16 -2.30
C LYS C 97 12.12 14.42 -2.41
N LYS C 98 12.29 13.10 -2.40
CA LYS C 98 11.20 12.15 -2.49
C LYS C 98 11.59 10.83 -1.80
N GLN C 99 12.67 10.85 -1.01
CA GLN C 99 13.14 9.65 -0.29
C GLN C 99 13.92 9.97 0.97
N ASN C 100 13.38 9.55 2.11
CA ASN C 100 14.08 9.68 3.38
C ASN C 100 14.20 8.30 3.98
N VAL C 101 14.66 8.20 5.22
CA VAL C 101 14.78 6.88 5.89
C VAL C 101 14.79 7.04 7.39
N ILE C 102 13.66 6.81 8.03
CA ILE C 102 13.60 6.91 9.48
C ILE C 102 13.83 5.54 10.07
N LEU C 103 14.53 5.50 11.18
CA LEU C 103 14.83 4.25 11.86
C LEU C 103 14.17 4.22 13.23
N LEU C 104 13.42 3.15 13.47
CA LEU C 104 12.68 3.04 14.70
C LEU C 104 13.39 2.07 15.63
N VAL C 105 13.51 2.41 16.91
CA VAL C 105 14.08 1.49 17.87
C VAL C 105 13.37 1.68 19.21
N GLY C 106 13.69 0.87 20.20
CA GLY C 106 13.07 1.01 21.49
C GLY C 106 12.85 -0.32 22.20
N ILE C 107 13.44 -0.47 23.38
CA ILE C 107 13.29 -1.67 24.19
C ILE C 107 11.93 -2.34 24.15
N GLN C 108 11.91 -3.67 24.33
CA GLN C 108 10.65 -4.39 24.30
C GLN C 108 9.75 -4.00 25.47
N GLY C 109 8.45 -4.02 25.20
CA GLY C 109 7.47 -3.60 26.19
C GLY C 109 7.05 -2.16 25.97
N SER C 110 7.33 -1.66 24.77
CA SER C 110 7.00 -0.30 24.45
C SER C 110 5.87 -0.34 23.45
N GLY C 111 5.82 0.66 22.59
CA GLY C 111 4.77 0.69 21.57
C GLY C 111 5.48 0.70 20.24
N LYS C 112 6.72 0.26 20.30
CA LYS C 112 7.63 0.30 19.15
C LYS C 112 7.07 -0.33 17.86
N THR C 113 6.49 -1.52 17.96
CA THR C 113 5.90 -2.18 16.80
C THR C 113 4.65 -1.50 16.30
N THR C 114 3.95 -0.81 17.21
CA THR C 114 2.71 -0.09 16.91
C THR C 114 3.02 1.33 16.50
N THR C 115 3.88 1.95 17.28
CA THR C 115 4.33 3.31 17.03
C THR C 115 4.85 3.40 15.60
N ALA C 116 5.08 2.22 15.03
CA ALA C 116 5.53 2.06 13.66
C ALA C 116 4.37 2.45 12.83
N ALA C 117 3.32 1.66 12.97
CA ALA C 117 2.11 1.88 12.27
C ALA C 117 1.69 3.34 12.44
N LYS C 118 1.61 3.79 13.69
CA LYS C 118 1.15 5.16 13.94
C LYS C 118 1.93 6.19 13.15
N LEU C 119 3.24 6.22 13.32
CA LEU C 119 4.00 7.20 12.55
C LEU C 119 3.65 7.17 11.05
N ALA C 120 3.47 5.97 10.50
CA ALA C 120 3.13 5.82 9.10
C ALA C 120 1.92 6.67 8.77
N ARG C 121 0.93 6.67 9.67
CA ARG C 121 -0.33 7.41 9.57
C ARG C 121 -0.18 8.77 10.17
N TYR C 122 1.01 9.35 10.07
CA TYR C 122 1.23 10.68 10.57
C TYR C 122 1.69 11.35 9.32
N ILE C 123 2.70 10.73 8.73
CA ILE C 123 3.30 11.26 7.52
C ILE C 123 2.28 11.15 6.40
N GLN C 124 1.45 10.14 6.49
CA GLN C 124 0.43 9.96 5.49
C GLN C 124 -0.18 11.33 5.32
N LYS C 125 -0.67 11.89 6.42
CA LYS C 125 -1.34 13.19 6.38
C LYS C 125 -0.40 14.36 6.19
N ARG C 126 0.84 14.19 6.62
CA ARG C 126 1.82 15.24 6.40
C ARG C 126 1.90 15.47 4.91
N GLY C 127 1.52 14.47 4.13
CA GLY C 127 1.51 14.63 2.70
C GLY C 127 2.61 13.84 2.08
N LEU C 128 2.74 12.61 2.52
CA LEU C 128 3.78 11.77 1.94
C LEU C 128 3.44 10.28 1.91
N LYS C 129 4.11 9.53 1.06
CA LYS C 129 3.89 8.09 0.92
C LYS C 129 4.92 7.31 1.74
N PRO C 130 4.51 6.87 2.94
CA PRO C 130 5.35 6.09 3.85
C PRO C 130 5.15 4.58 3.68
N ALA C 131 6.24 3.82 3.72
CA ALA C 131 6.17 2.36 3.69
C ALA C 131 6.87 1.85 4.93
N LEU C 132 6.50 0.67 5.43
CA LEU C 132 7.12 0.15 6.64
C LEU C 132 7.85 -1.13 6.33
N ILE C 133 8.88 -1.46 7.11
CA ILE C 133 9.60 -2.70 6.86
C ILE C 133 9.93 -3.43 8.15
N ALA C 134 9.18 -4.47 8.40
CA ALA C 134 9.37 -5.23 9.60
C ALA C 134 10.79 -5.86 9.61
N ALA C 135 11.78 -5.05 9.95
CA ALA C 135 13.16 -5.52 9.94
C ALA C 135 13.58 -6.32 11.18
N ASP C 136 12.66 -7.06 11.80
CA ASP C 136 13.00 -7.93 12.92
C ASP C 136 11.94 -8.99 13.11
N THR C 137 12.16 -9.84 14.12
CA THR C 137 11.24 -10.93 14.45
C THR C 137 9.94 -10.43 15.07
N TYR C 138 8.82 -11.08 14.76
CA TYR C 138 7.56 -10.67 15.38
C TYR C 138 6.79 -11.87 15.89
N ARG C 139 6.01 -11.67 16.95
CA ARG C 139 5.26 -12.77 17.58
C ARG C 139 3.99 -13.09 16.81
N PRO C 140 3.62 -14.37 16.75
CA PRO C 140 2.43 -14.80 16.00
C PRO C 140 1.19 -14.22 16.66
N ALA C 141 1.11 -12.90 16.52
CA ALA C 141 0.00 -12.08 16.99
C ALA C 141 0.34 -10.69 16.48
N ALA C 142 1.64 -10.40 16.50
CA ALA C 142 2.19 -9.14 16.01
C ALA C 142 1.80 -8.96 14.54
N TYR C 143 1.58 -10.07 13.83
CA TYR C 143 1.15 -10.04 12.44
C TYR C 143 -0.34 -9.83 12.37
N GLU C 144 -1.01 -10.07 13.50
CA GLU C 144 -2.45 -9.90 13.60
C GLU C 144 -2.77 -8.55 14.19
N GLN C 145 -1.73 -7.75 14.41
CA GLN C 145 -1.86 -6.41 14.98
C GLN C 145 -0.92 -5.41 14.30
N LEU C 146 -0.55 -5.67 13.06
CA LEU C 146 0.25 -4.69 12.33
C LEU C 146 -0.29 -4.55 10.92
N LYS C 147 -0.10 -5.61 10.14
CA LYS C 147 -0.58 -5.60 8.79
C LYS C 147 -1.95 -4.95 8.81
N GLN C 148 -2.81 -5.44 9.71
CA GLN C 148 -4.17 -4.98 9.78
C GLN C 148 -4.13 -3.49 9.75
N LEU C 149 -3.20 -2.96 10.52
CA LEU C 149 -3.05 -1.53 10.61
C LEU C 149 -2.67 -0.98 9.23
N ALA C 150 -1.55 -1.46 8.70
CA ALA C 150 -1.07 -1.03 7.40
C ALA C 150 -2.16 -1.17 6.38
N GLU C 151 -3.21 -1.87 6.78
CA GLU C 151 -4.36 -2.03 5.92
C GLU C 151 -5.34 -0.96 6.36
N LYS C 152 -5.30 -0.55 7.63
CA LYS C 152 -6.22 0.50 8.03
C LYS C 152 -5.82 1.67 7.17
N ILE C 153 -4.61 1.59 6.64
CA ILE C 153 -4.06 2.62 5.77
C ILE C 153 -3.58 2.04 4.45
N HIS C 154 -2.97 2.86 3.62
CA HIS C 154 -2.47 2.37 2.34
C HIS C 154 -1.04 1.88 2.47
N VAL C 155 -0.46 2.06 3.64
CA VAL C 155 0.93 1.72 3.87
C VAL C 155 1.27 0.27 3.60
N PRO C 156 2.12 0.07 2.58
CA PRO C 156 2.65 -1.24 2.20
C PRO C 156 3.79 -1.59 3.13
N ILE C 157 4.06 -2.88 3.34
CA ILE C 157 5.06 -3.29 4.33
C ILE C 157 5.74 -4.57 3.91
N TYR C 158 7.00 -4.75 4.26
CA TYR C 158 7.66 -5.98 3.89
C TYR C 158 7.92 -6.76 5.15
N GLY C 159 7.18 -7.84 5.35
CA GLY C 159 7.31 -8.73 6.51
C GLY C 159 7.77 -10.13 6.11
N ASP C 160 8.50 -10.81 7.01
CA ASP C 160 9.10 -12.12 6.71
C ASP C 160 8.57 -13.38 7.41
N GLU C 161 7.33 -13.83 7.19
CA GLU C 161 6.89 -15.08 7.86
C GLU C 161 7.02 -16.27 6.92
N THR C 162 8.22 -16.85 6.90
CA THR C 162 8.56 -17.98 6.06
C THR C 162 9.95 -18.30 6.49
N ARG C 163 10.92 -17.59 5.94
CA ARG C 163 12.32 -17.56 6.39
C ARG C 163 12.59 -16.11 6.82
N THR C 164 13.63 -15.90 7.64
CA THR C 164 13.89 -14.53 8.08
C THR C 164 15.38 -14.19 8.21
N LYS C 165 15.65 -12.89 8.33
CA LYS C 165 16.98 -12.35 8.59
C LYS C 165 16.82 -10.89 8.93
N SER C 166 17.86 -10.10 8.68
CA SER C 166 17.84 -8.69 9.08
C SER C 166 18.43 -7.72 8.07
N PRO C 167 19.70 -7.86 7.77
CA PRO C 167 20.40 -6.94 6.89
C PRO C 167 20.15 -7.22 5.44
N VAL C 168 19.08 -7.96 5.14
CA VAL C 168 18.79 -8.18 3.73
C VAL C 168 17.31 -8.20 3.64
N ASP C 169 16.70 -8.67 4.71
CA ASP C 169 15.26 -8.60 4.76
C ASP C 169 14.99 -7.16 5.03
N ILE C 170 15.99 -6.35 4.76
CA ILE C 170 15.92 -4.91 4.96
C ILE C 170 16.50 -4.29 3.70
N VAL C 171 17.41 -4.99 3.05
CA VAL C 171 17.99 -4.45 1.84
C VAL C 171 16.96 -4.39 0.75
N LYS C 172 16.37 -5.55 0.47
CA LYS C 172 15.40 -5.67 -0.61
C LYS C 172 14.29 -4.69 -0.56
N GLU C 173 13.58 -4.63 0.56
CA GLU C 173 12.49 -3.69 0.71
C GLU C 173 12.97 -2.28 0.41
N GLY C 174 14.20 -1.98 0.85
CA GLY C 174 14.82 -0.71 0.53
C GLY C 174 14.86 -0.56 -0.97
N MET C 175 15.72 -1.33 -1.62
CA MET C 175 15.86 -1.27 -3.06
C MET C 175 14.60 -1.82 -3.74
N GLU C 176 13.56 -2.12 -2.97
CA GLU C 176 12.32 -2.63 -3.52
C GLU C 176 11.30 -1.54 -3.48
N LYS C 177 10.63 -1.35 -2.34
CA LYS C 177 9.66 -0.27 -2.26
C LYS C 177 10.37 1.06 -2.33
N PHE C 178 10.29 1.63 -3.53
CA PHE C 178 10.87 2.90 -3.89
C PHE C 178 9.94 3.42 -4.99
N LYS C 179 9.20 2.50 -5.61
CA LYS C 179 8.29 2.81 -6.72
C LYS C 179 7.14 3.77 -6.34
N LYS C 180 7.22 4.34 -5.14
CA LYS C 180 6.20 5.28 -4.65
C LYS C 180 6.58 5.87 -3.29
N ALA C 181 7.62 5.29 -2.68
CA ALA C 181 8.12 5.67 -1.35
C ALA C 181 8.67 7.09 -1.24
N ASP C 182 7.92 7.95 -0.55
CA ASP C 182 8.40 9.31 -0.26
C ASP C 182 9.21 9.27 1.04
N VAL C 183 8.75 8.45 1.97
CA VAL C 183 9.40 8.30 3.26
C VAL C 183 9.32 6.82 3.62
N LEU C 184 10.37 6.31 4.25
CA LEU C 184 10.48 4.90 4.58
C LEU C 184 10.78 4.66 6.04
N ILE C 185 9.80 4.17 6.79
CA ILE C 185 10.07 3.87 8.21
C ILE C 185 10.43 2.43 8.31
N ILE C 186 11.43 2.13 9.14
CA ILE C 186 11.96 0.78 9.31
C ILE C 186 11.86 0.30 10.75
N ASP C 187 10.93 -0.60 10.97
CA ASP C 187 10.76 -1.24 12.26
C ASP C 187 11.83 -2.30 12.50
N THR C 188 12.95 -1.92 13.08
CA THR C 188 14.04 -2.88 13.32
C THR C 188 14.31 -3.24 14.76
N ALA C 189 13.91 -2.37 15.67
CA ALA C 189 14.15 -2.69 17.07
C ALA C 189 13.96 -4.17 17.42
N GLY C 190 15.06 -4.93 17.47
CA GLY C 190 14.94 -6.27 18.00
C GLY C 190 14.12 -6.26 19.32
N ARG C 191 13.86 -7.47 19.83
CA ARG C 191 13.13 -7.65 21.07
C ARG C 191 14.10 -7.56 22.22
N HIS C 192 14.48 -6.35 22.61
CA HIS C 192 15.43 -6.23 23.69
C HIS C 192 14.78 -5.50 24.84
N LYS C 193 15.08 -5.91 26.05
CA LYS C 193 14.52 -5.19 27.18
C LYS C 193 15.57 -4.26 27.73
N GLU C 194 16.74 -4.26 27.09
CA GLU C 194 17.89 -3.47 27.55
C GLU C 194 18.64 -2.72 26.46
N GLU C 195 18.79 -1.43 26.68
CA GLU C 195 19.35 -0.51 25.71
C GLU C 195 20.64 -0.84 24.99
N LYS C 196 21.64 -1.37 25.67
CA LYS C 196 22.91 -1.62 25.00
C LYS C 196 22.70 -2.49 23.79
N GLY C 197 22.07 -3.64 24.04
CA GLY C 197 21.81 -4.57 22.98
C GLY C 197 20.98 -3.92 21.90
N LEU C 198 20.20 -2.92 22.30
CA LEU C 198 19.33 -2.22 21.38
C LEU C 198 20.17 -1.42 20.39
N LEU C 199 21.23 -0.82 20.90
CA LEU C 199 22.09 0.05 20.10
C LEU C 199 23.14 -0.69 19.29
N GLU C 200 23.31 -1.98 19.53
CA GLU C 200 24.22 -2.75 18.69
C GLU C 200 23.53 -3.28 17.42
N GLU C 201 22.39 -3.97 17.57
CA GLU C 201 21.61 -4.44 16.43
C GLU C 201 21.39 -3.21 15.57
N MET C 202 21.31 -2.08 16.23
CA MET C 202 21.07 -0.83 15.57
C MET C 202 22.37 -0.23 15.22
N LYS C 203 22.87 -0.51 14.04
CA LYS C 203 24.11 0.12 13.61
C LYS C 203 24.50 -0.74 12.48
N GLN C 204 24.39 -2.03 12.72
CA GLN C 204 24.66 -2.99 11.69
C GLN C 204 23.81 -2.53 10.54
N ILE C 205 22.65 -1.95 10.91
CA ILE C 205 21.61 -1.45 10.00
C ILE C 205 21.64 0.09 9.77
N LYS C 206 22.65 0.74 10.34
CA LYS C 206 22.90 2.16 10.09
C LYS C 206 24.10 2.27 9.12
N GLU C 207 24.68 1.13 8.80
CA GLU C 207 25.77 1.07 7.85
C GLU C 207 25.18 0.68 6.51
N ILE C 208 23.99 0.09 6.55
CA ILE C 208 23.31 -0.31 5.32
C ILE C 208 22.38 0.80 4.83
N THR C 209 22.07 1.75 5.71
CA THR C 209 21.34 2.94 5.30
C THR C 209 22.05 4.21 5.75
N ASN C 210 21.64 5.32 5.19
CA ASN C 210 22.20 6.58 5.60
C ASN C 210 21.05 7.32 6.24
N PRO C 211 20.61 6.88 7.42
CA PRO C 211 19.38 7.41 8.06
C PRO C 211 19.30 8.93 8.13
N ASP C 212 18.08 9.44 8.11
CA ASP C 212 17.89 10.88 8.21
C ASP C 212 17.46 11.12 9.64
N GLU C 213 16.90 10.10 10.26
CA GLU C 213 16.44 10.21 11.62
C GLU C 213 16.43 8.83 12.27
N ILE C 214 16.83 8.77 13.53
CA ILE C 214 16.74 7.53 14.27
C ILE C 214 15.76 7.86 15.35
N ILE C 215 14.74 7.06 15.57
CA ILE C 215 13.76 7.41 16.57
C ILE C 215 13.68 6.41 17.72
N LEU C 216 13.67 6.91 18.95
CA LEU C 216 13.59 5.99 20.09
C LEU C 216 12.22 5.97 20.67
N VAL C 217 11.58 4.83 20.59
CA VAL C 217 10.27 4.75 21.14
C VAL C 217 10.29 4.38 22.62
N ILE C 218 10.49 5.38 23.48
CA ILE C 218 10.50 5.15 24.91
C ILE C 218 9.11 4.87 25.43
N ASP C 219 8.89 5.03 26.73
CA ASP C 219 7.58 4.75 27.33
C ASP C 219 7.24 5.51 28.55
N GLY C 220 6.20 6.33 28.43
CA GLY C 220 5.75 7.13 29.55
C GLY C 220 5.85 6.30 30.81
N THR C 221 4.91 5.38 30.94
CA THR C 221 4.77 4.52 32.09
C THR C 221 6.10 4.36 32.71
N ILE C 222 7.12 4.24 31.88
CA ILE C 222 8.42 3.99 32.47
C ILE C 222 8.90 5.13 33.34
N GLY C 223 8.11 6.18 33.42
CA GLY C 223 8.43 7.28 34.30
C GLY C 223 9.79 7.86 34.03
N GLN C 224 10.39 8.43 35.08
CA GLN C 224 11.60 9.23 34.84
C GLN C 224 12.74 8.38 34.35
N GLN C 225 12.61 7.08 34.50
CA GLN C 225 13.67 6.21 34.01
C GLN C 225 13.85 6.40 32.50
N ALA C 226 12.86 6.98 31.83
CA ALA C 226 12.86 7.11 30.38
C ALA C 226 14.07 7.88 29.89
N GLY C 227 14.60 8.72 30.76
CA GLY C 227 15.73 9.58 30.43
C GLY C 227 17.11 8.97 30.47
N ILE C 228 17.30 7.93 31.27
CA ILE C 228 18.58 7.21 31.28
C ILE C 228 18.60 6.34 29.99
N GLN C 229 17.48 6.31 29.31
CA GLN C 229 17.47 5.61 28.07
C GLN C 229 17.80 6.64 27.03
N ALA C 230 17.32 7.86 27.25
CA ALA C 230 17.52 8.93 26.28
C ALA C 230 19.02 9.21 26.13
N LYS C 231 19.76 9.22 27.23
CA LYS C 231 21.17 9.50 27.17
C LYS C 231 21.92 8.45 26.37
N ALA C 232 21.76 7.18 26.72
CA ALA C 232 22.53 6.16 26.00
C ALA C 232 22.16 6.23 24.58
N PHE C 233 21.05 6.86 24.26
CA PHE C 233 20.68 6.91 22.89
C PHE C 233 21.41 8.07 22.22
N LYS C 234 21.34 9.25 22.84
CA LYS C 234 21.99 10.44 22.28
C LYS C 234 23.45 10.25 22.30
N GLU C 235 23.96 9.57 23.32
CA GLU C 235 25.40 9.38 23.41
C GLU C 235 25.87 8.30 22.46
N ALA C 236 25.08 8.02 21.43
CA ALA C 236 25.44 6.96 20.52
C ALA C 236 24.89 7.25 19.16
N VAL C 237 23.96 8.18 19.11
CA VAL C 237 23.39 8.55 17.84
C VAL C 237 23.82 9.98 17.51
N GLY C 238 24.59 10.11 16.43
CA GLY C 238 25.11 11.39 15.95
C GLY C 238 24.04 12.47 15.75
N GLU C 239 23.32 12.74 16.84
CA GLU C 239 22.34 13.78 16.91
C GLU C 239 21.20 13.67 15.91
N ILE C 240 21.10 12.50 15.28
CA ILE C 240 20.02 12.30 14.35
C ILE C 240 18.90 11.57 15.10
N GLY C 241 19.09 11.40 16.41
CA GLY C 241 18.13 10.71 17.27
C GLY C 241 17.00 11.63 17.68
N SER C 242 15.81 11.09 17.87
CA SER C 242 14.73 11.90 18.37
C SER C 242 13.79 10.99 19.13
N ILE C 243 13.36 11.40 20.30
CA ILE C 243 12.55 10.52 21.08
C ILE C 243 11.10 10.59 20.72
N ILE C 244 10.40 9.48 20.96
CA ILE C 244 8.98 9.36 20.81
C ILE C 244 8.65 8.72 22.13
N VAL C 245 7.88 9.41 22.97
CA VAL C 245 7.44 8.86 24.25
C VAL C 245 5.97 8.61 24.18
N THR C 246 5.53 7.38 24.37
CA THR C 246 4.10 7.09 24.25
C THR C 246 3.40 6.74 25.59
N LYS C 247 2.24 6.08 25.48
CA LYS C 247 1.48 5.62 26.66
C LYS C 247 1.32 6.69 27.74
N LEU C 248 0.88 7.84 27.28
CA LEU C 248 0.66 8.98 28.13
C LEU C 248 -0.74 8.95 28.68
N ASP C 249 -1.33 7.77 28.82
CA ASP C 249 -2.69 7.66 29.36
C ASP C 249 -2.70 6.48 30.30
N GLY C 250 -1.66 5.68 30.20
CA GLY C 250 -1.59 4.50 31.02
C GLY C 250 -0.74 4.67 32.28
N SER C 251 -0.67 5.87 32.84
CA SER C 251 0.21 6.01 33.99
C SER C 251 0.17 7.35 34.72
N ALA C 252 0.31 7.31 36.05
CA ALA C 252 0.41 8.55 36.82
C ALA C 252 1.75 9.16 36.46
N LYS C 253 2.82 8.36 36.58
CA LYS C 253 4.13 8.84 36.16
C LYS C 253 4.20 8.80 34.63
N GLY C 254 4.95 9.72 34.03
CA GLY C 254 5.02 9.85 32.58
C GLY C 254 5.29 11.31 32.19
N GLY C 255 4.51 12.21 32.72
CA GLY C 255 4.78 13.62 32.50
C GLY C 255 6.11 13.81 33.18
N GLY C 256 6.40 12.94 34.14
CA GLY C 256 7.65 13.05 34.85
C GLY C 256 8.70 12.44 33.96
N ALA C 257 8.25 11.61 33.01
CA ALA C 257 9.11 10.94 32.02
C ALA C 257 9.65 11.85 30.92
N LEU C 258 8.83 12.75 30.37
CA LEU C 258 9.30 13.68 29.36
C LEU C 258 10.30 14.63 29.95
N SER C 259 10.06 15.08 31.18
CA SER C 259 11.00 15.99 31.81
C SER C 259 12.40 15.35 31.83
N ALA C 260 12.43 14.03 31.92
CA ALA C 260 13.70 13.31 31.96
C ALA C 260 14.30 13.39 30.56
N VAL C 261 13.48 13.06 29.57
CA VAL C 261 14.03 13.10 28.25
C VAL C 261 14.38 14.52 27.92
N ALA C 262 13.78 15.45 28.67
CA ALA C 262 13.93 16.88 28.45
C ALA C 262 15.23 17.39 29.05
N GLU C 263 15.71 16.74 30.10
CA GLU C 263 17.00 17.14 30.62
C GLU C 263 17.99 16.80 29.56
N THR C 264 17.90 15.57 29.05
CA THR C 264 18.87 15.17 28.05
C THR C 264 18.59 16.08 26.91
N LYS C 265 19.60 16.54 26.22
CA LYS C 265 19.26 17.48 25.19
C LYS C 265 18.39 16.76 24.14
N ALA C 266 18.65 15.48 23.87
CA ALA C 266 17.89 14.74 22.87
C ALA C 266 16.44 15.24 22.73
N PRO C 267 16.04 15.60 21.49
CA PRO C 267 14.70 16.16 21.17
C PRO C 267 13.56 15.17 21.20
N ILE C 268 12.41 15.59 21.73
CA ILE C 268 11.15 14.82 21.70
C ILE C 268 10.29 15.30 20.57
N LYS C 269 10.04 14.44 19.58
CA LYS C 269 9.24 14.89 18.43
C LYS C 269 7.81 14.35 18.32
N PHE C 270 7.46 13.42 19.20
CA PHE C 270 6.11 12.87 19.14
C PHE C 270 5.76 12.34 20.49
N ILE C 271 4.47 12.12 20.72
CA ILE C 271 3.99 11.57 21.99
C ILE C 271 2.76 10.69 21.86
N GLY C 272 2.59 9.82 22.85
CA GLY C 272 1.43 8.95 22.87
C GLY C 272 0.30 9.63 23.61
N ILE C 273 -0.90 9.15 23.40
CA ILE C 273 -2.14 9.70 23.98
C ILE C 273 -3.09 8.54 24.26
N GLY C 274 -3.18 7.60 23.31
CA GLY C 274 -4.10 6.49 23.37
C GLY C 274 -3.61 5.33 22.53
N GLU C 275 -4.49 4.79 21.69
CA GLU C 275 -4.17 3.63 20.85
C GLU C 275 -4.56 3.80 19.37
N GLY C 276 -5.61 4.59 19.13
CA GLY C 276 -6.07 4.83 17.77
C GLY C 276 -5.25 5.92 17.15
N ILE C 277 -4.80 5.70 15.92
CA ILE C 277 -3.98 6.68 15.22
C ILE C 277 -4.45 8.12 15.37
N ASP C 278 -5.74 8.34 15.64
CA ASP C 278 -6.27 9.71 15.78
C ASP C 278 -5.50 10.54 16.85
N ASP C 279 -5.73 10.25 18.13
CA ASP C 279 -5.00 10.89 19.23
C ASP C 279 -3.48 10.64 19.25
N LEU C 280 -2.77 11.20 18.25
CA LEU C 280 -1.29 11.09 18.15
C LEU C 280 -0.54 12.34 17.55
N GLU C 281 -0.84 13.52 18.10
CA GLU C 281 -0.26 14.81 17.68
C GLU C 281 1.22 14.93 18.02
N PRO C 282 1.95 15.68 17.19
CA PRO C 282 3.36 15.95 17.42
C PRO C 282 3.56 16.72 18.72
N PHE C 283 4.75 16.61 19.28
CA PHE C 283 4.94 17.24 20.54
C PHE C 283 5.48 18.63 20.38
N ASP C 284 4.83 19.54 21.10
CA ASP C 284 5.12 20.95 21.13
C ASP C 284 4.80 21.33 22.55
N PRO C 285 5.80 21.78 23.30
CA PRO C 285 5.63 22.14 24.71
C PRO C 285 4.41 23.00 25.00
N LYS C 286 4.53 24.31 24.84
CA LYS C 286 3.41 25.24 25.05
C LYS C 286 2.02 24.60 24.97
N LYS C 287 1.79 23.80 23.92
CA LYS C 287 0.49 23.17 23.67
C LYS C 287 0.17 22.21 24.82
N PHE C 288 1.14 21.37 25.12
CA PHE C 288 0.97 20.36 26.15
C PHE C 288 0.54 20.97 27.45
N ILE C 289 0.99 22.19 27.73
CA ILE C 289 0.63 22.87 28.96
C ILE C 289 -0.78 23.44 28.86
N SER C 290 -1.09 24.02 27.72
CA SER C 290 -2.46 24.46 27.42
C SER C 290 -3.39 23.34 27.76
N ARG C 291 -3.05 22.13 27.32
CA ARG C 291 -3.88 20.99 27.67
C ARG C 291 -3.78 20.78 29.19
N LEU C 292 -2.58 21.04 29.72
CA LEU C 292 -2.26 20.78 31.11
C LEU C 292 -2.95 21.71 32.10
N LEU C 293 -2.41 22.92 32.19
CA LEU C 293 -2.90 23.94 33.11
C LEU C 293 -4.33 24.31 32.80
N GLY C 294 -4.85 23.80 31.69
CA GLY C 294 -6.19 24.17 31.24
C GLY C 294 -6.19 25.66 31.13
N MET C 295 -7.36 26.25 31.26
CA MET C 295 -7.46 27.70 31.22
C MET C 295 -6.88 28.29 29.92
N GLY C 296 -6.60 29.61 29.98
CA GLY C 296 -6.11 30.38 28.84
C GLY C 296 -4.64 30.29 28.53
N ASP C 297 -4.30 29.39 27.60
CA ASP C 297 -2.92 29.12 27.16
C ASP C 297 -1.90 30.27 26.99
N LEU C 298 -0.95 30.04 26.08
CA LEU C 298 0.19 30.92 25.78
C LEU C 298 -0.11 32.25 25.07
N GLU C 299 -0.57 32.17 23.82
CA GLU C 299 -0.86 33.37 23.04
C GLU C 299 -1.74 34.39 23.79
N SER C 300 -2.33 33.94 24.90
CA SER C 300 -3.24 34.77 25.71
C SER C 300 -2.57 35.92 26.43
N LEU C 301 -1.44 36.38 25.90
CA LEU C 301 -0.72 37.44 26.56
C LEU C 301 0.21 38.16 25.59
N LEU C 302 -0.20 38.32 24.33
CA LEU C 302 0.64 38.98 23.33
C LEU C 302 0.14 40.35 22.91
N GLU C 303 -0.89 40.84 23.59
CA GLU C 303 -1.42 42.18 23.34
C GLU C 303 -1.28 42.99 24.62
N LYS C 304 -1.51 42.33 25.75
CA LYS C 304 -1.34 42.97 27.05
C LYS C 304 -0.04 42.46 27.67
N ALA C 305 1.07 42.67 26.96
CA ALA C 305 2.38 42.27 27.43
C ALA C 305 3.37 42.63 26.34
N GLU C 306 2.86 42.78 25.13
CA GLU C 306 3.68 43.17 23.98
C GLU C 306 3.70 44.72 23.86
N ASP C 307 2.57 45.33 24.21
CA ASP C 307 2.42 46.79 24.23
C ASP C 307 3.05 47.41 25.50
N MET C 308 3.81 46.62 26.25
CA MET C 308 4.42 47.14 27.48
C MET C 308 5.92 46.87 27.64
N VAL C 309 6.72 47.90 27.34
CA VAL C 309 8.17 47.86 27.49
C VAL C 309 8.54 48.94 28.52
N ASP C 310 9.83 49.22 28.66
CA ASP C 310 10.38 50.16 29.65
C ASP C 310 9.70 51.52 29.81
N GLU C 311 8.72 51.83 28.98
CA GLU C 311 8.00 53.08 29.13
C GLU C 311 8.82 54.31 28.72
N LYS C 312 10.11 54.11 28.45
CA LYS C 312 10.96 55.21 27.98
C LYS C 312 11.17 55.00 26.49
N THR C 313 10.60 53.88 26.01
CA THR C 313 10.67 53.50 24.62
C THR C 313 9.25 53.60 24.09
N GLU C 314 8.31 53.35 24.99
CA GLU C 314 6.92 53.46 24.65
C GLU C 314 6.46 54.92 24.89
N GLU C 315 6.81 55.47 26.06
CA GLU C 315 6.41 56.83 26.44
C GLU C 315 6.93 57.78 25.39
N SER C 316 8.04 57.37 24.79
CA SER C 316 8.69 58.19 23.80
C SER C 316 8.43 57.62 22.42
N ILE C 317 7.92 56.39 22.36
CA ILE C 317 7.61 55.80 21.07
C ILE C 317 6.53 56.67 20.46
N ASP C 318 5.68 57.18 21.33
CA ASP C 318 4.62 58.04 20.90
C ASP C 318 5.04 59.50 20.79
N ALA C 319 6.31 59.79 21.04
CA ALA C 319 6.83 61.17 20.97
C ALA C 319 6.97 61.62 19.52
N ILE C 320 7.38 60.68 18.69
CA ILE C 320 7.44 60.86 17.26
C ILE C 320 6.02 60.55 16.80
N MET C 321 5.43 59.55 17.43
CA MET C 321 4.05 59.18 17.16
C MET C 321 3.17 60.39 17.30
N ARG C 322 2.40 60.68 16.27
CA ARG C 322 1.55 61.84 16.33
C ARG C 322 0.15 61.46 15.87
N GLY C 323 0.03 60.99 14.63
CA GLY C 323 -1.24 60.50 14.11
C GLY C 323 -2.01 59.73 15.18
N LYS C 324 -3.32 59.99 15.27
CA LYS C 324 -4.10 59.36 16.29
C LYS C 324 -4.65 58.00 15.86
N PHE C 325 -5.34 57.35 16.78
CA PHE C 325 -5.73 55.98 16.67
C PHE C 325 -6.18 55.62 18.05
N THR C 326 -7.23 54.79 18.23
CA THR C 326 -7.71 54.52 19.60
C THR C 326 -6.74 53.74 20.47
N LEU C 327 -5.95 52.88 19.86
CA LEU C 327 -4.99 52.10 20.64
C LEU C 327 -3.84 53.00 20.91
N ASN C 328 -3.87 54.17 20.27
CA ASN C 328 -2.79 55.09 20.49
C ASN C 328 -3.05 55.99 21.62
N GLU C 329 -4.33 56.18 21.92
CA GLU C 329 -4.75 57.00 23.00
C GLU C 329 -4.71 56.18 24.26
N LEU C 330 -5.08 54.92 24.12
CA LEU C 330 -4.99 53.98 25.22
C LEU C 330 -3.56 54.00 25.68
N MET C 331 -2.69 54.22 24.72
CA MET C 331 -1.24 54.21 24.90
C MET C 331 -0.78 55.51 25.59
N THR C 332 -1.60 56.55 25.48
CA THR C 332 -1.39 57.84 26.12
C THR C 332 -2.02 57.84 27.54
N GLN C 333 -3.21 57.28 27.74
CA GLN C 333 -3.75 57.29 29.10
C GLN C 333 -2.78 56.45 29.91
N LEU C 334 -2.14 55.52 29.23
CA LEU C 334 -1.18 54.63 29.87
C LEU C 334 0.14 55.35 30.05
N GLU C 335 0.05 56.61 30.47
CA GLU C 335 1.22 57.46 30.70
C GLU C 335 0.74 58.76 31.30
N ALA C 336 -0.52 58.78 31.71
CA ALA C 336 -1.09 59.97 32.32
C ALA C 336 -1.53 59.56 33.69
N ILE C 337 -2.14 58.38 33.81
CA ILE C 337 -2.51 57.93 35.14
C ILE C 337 -1.19 57.74 35.83
N GLU C 338 -0.28 57.12 35.09
CA GLU C 338 1.06 56.87 35.57
C GLU C 338 1.90 58.01 35.07
N ASN C 339 3.09 58.16 35.67
CA ASN C 339 4.05 59.18 35.26
C ASN C 339 3.38 60.53 35.15
N MET C 340 2.36 60.70 35.99
CA MET C 340 1.54 61.90 36.03
C MET C 340 1.97 62.96 35.00
N LEU C 364 -7.63 65.55 33.22
CA LEU C 364 -8.23 64.19 33.22
C LEU C 364 -8.10 63.55 34.57
N THR C 365 -8.95 63.97 35.48
CA THR C 365 -9.01 63.41 36.80
C THR C 365 -8.71 61.91 36.82
N GLU C 366 -8.11 61.47 37.93
CA GLU C 366 -7.89 60.05 38.19
C GLU C 366 -9.02 59.23 37.64
N ALA C 367 -10.08 59.19 38.42
CA ALA C 367 -11.24 58.39 38.10
C ALA C 367 -11.61 58.49 36.62
N LYS C 368 -11.25 59.60 35.95
CA LYS C 368 -11.58 59.77 34.53
C LYS C 368 -10.49 59.19 33.74
N ILE C 369 -9.32 59.02 34.31
CA ILE C 369 -8.30 58.31 33.52
C ILE C 369 -8.50 56.78 33.55
N LYS C 370 -8.86 56.21 34.67
CA LYS C 370 -9.09 54.76 34.65
C LYS C 370 -10.36 54.36 33.86
N LYS C 371 -11.44 55.10 34.00
CA LYS C 371 -12.61 54.77 33.24
C LYS C 371 -12.41 54.89 31.76
N TYR C 372 -11.81 55.93 31.23
CA TYR C 372 -11.51 55.92 29.79
C TYR C 372 -10.70 54.70 29.39
N LYS C 373 -9.67 54.40 30.14
CA LYS C 373 -8.88 53.21 29.84
C LYS C 373 -9.72 51.93 30.01
N VAL C 374 -10.73 51.98 30.88
CA VAL C 374 -11.60 50.79 31.07
C VAL C 374 -12.53 50.59 29.85
N ILE C 375 -13.22 51.64 29.44
CA ILE C 375 -14.11 51.53 28.31
C ILE C 375 -13.37 51.02 27.11
N ILE C 376 -12.29 51.72 26.77
CA ILE C 376 -11.51 51.34 25.64
C ILE C 376 -11.07 49.90 25.72
N SER C 377 -10.56 49.52 26.87
CA SER C 377 -10.07 48.19 27.07
C SER C 377 -11.14 47.13 26.83
N SER C 378 -12.23 47.49 26.16
CA SER C 378 -13.33 46.55 25.92
C SER C 378 -13.88 46.62 24.49
N MET C 379 -13.18 47.39 23.65
CA MET C 379 -13.50 47.53 22.29
C MET C 379 -12.74 46.45 21.50
N THR C 380 -13.02 46.33 20.21
CA THR C 380 -12.30 45.32 19.42
C THR C 380 -11.20 45.98 18.62
N LYS C 381 -10.05 45.30 18.44
CA LYS C 381 -9.04 45.83 17.52
C LYS C 381 -9.73 46.57 16.38
N GLU C 382 -10.68 45.92 15.74
CA GLU C 382 -11.30 46.54 14.59
C GLU C 382 -11.85 47.89 14.93
N GLU C 383 -12.42 48.01 16.11
CA GLU C 383 -13.06 49.20 16.66
C GLU C 383 -12.09 50.27 17.14
N ARG C 384 -10.96 49.85 17.64
CA ARG C 384 -9.95 50.79 18.06
C ARG C 384 -9.23 51.24 16.80
N GLU C 385 -8.78 50.31 15.99
CA GLU C 385 -8.19 50.65 14.70
C GLU C 385 -9.17 51.44 13.84
N ASN C 386 -8.96 52.71 13.64
CA ASN C 386 -9.93 53.41 12.77
C ASN C 386 -11.34 53.14 13.30
N PRO C 387 -11.74 53.89 14.32
CA PRO C 387 -13.00 53.69 15.03
C PRO C 387 -14.29 54.41 14.58
N LYS C 388 -14.55 54.59 13.30
CA LYS C 388 -15.80 55.26 12.96
C LYS C 388 -16.96 54.27 12.99
N ILE C 389 -16.61 52.98 12.93
CA ILE C 389 -17.63 51.97 12.74
C ILE C 389 -18.49 51.80 13.97
N ILE C 390 -18.33 52.68 14.93
CA ILE C 390 -18.99 52.50 16.21
C ILE C 390 -20.28 53.25 16.27
N LYS C 391 -21.35 52.60 16.65
CA LYS C 391 -22.61 53.27 16.74
C LYS C 391 -23.36 52.66 17.87
N ALA C 392 -24.65 52.83 17.83
CA ALA C 392 -25.50 52.39 18.90
C ALA C 392 -25.26 50.97 19.39
N SER C 393 -25.61 50.00 18.55
CA SER C 393 -25.58 48.62 18.89
C SER C 393 -24.30 48.21 19.52
N ARG C 394 -23.20 48.79 19.05
CA ARG C 394 -21.84 48.48 19.51
C ARG C 394 -21.54 49.26 20.77
N ILE C 395 -21.84 50.56 20.71
CA ILE C 395 -21.66 51.40 21.89
C ILE C 395 -22.26 50.70 23.04
N ARG C 396 -23.52 50.42 22.97
CA ARG C 396 -24.17 49.70 24.05
C ARG C 396 -23.61 48.35 24.44
N ARG C 397 -22.58 47.82 23.76
CA ARG C 397 -21.98 46.54 24.11
C ARG C 397 -20.63 46.73 24.81
N ILE C 398 -19.94 47.79 24.44
CA ILE C 398 -18.71 48.21 25.03
C ILE C 398 -19.14 48.82 26.33
N ALA C 399 -20.12 49.70 26.24
CA ALA C 399 -20.66 50.35 27.43
C ALA C 399 -21.31 49.41 28.42
N ARG C 400 -21.62 48.19 28.06
CA ARG C 400 -22.25 47.22 28.96
C ARG C 400 -21.19 46.14 29.40
N GLY C 401 -20.25 45.75 28.50
CA GLY C 401 -19.11 44.89 28.82
C GLY C 401 -18.02 45.41 29.75
N SER C 402 -18.11 46.73 29.98
CA SER C 402 -17.12 47.54 30.72
C SER C 402 -17.59 48.12 32.00
N GLY C 403 -18.91 48.15 32.17
CA GLY C 403 -19.53 48.61 33.43
C GLY C 403 -19.78 50.07 33.50
N THR C 404 -19.97 50.71 32.37
CA THR C 404 -20.13 52.13 32.47
C THR C 404 -21.38 52.35 31.68
N THR C 405 -21.70 53.60 31.37
CA THR C 405 -22.93 53.98 30.70
C THR C 405 -22.67 54.34 29.27
N GLU C 406 -23.67 54.20 28.42
CA GLU C 406 -23.54 54.54 27.02
C GLU C 406 -23.06 55.94 26.89
N ASN C 407 -23.27 56.74 27.91
CA ASN C 407 -22.84 58.13 27.83
C ASN C 407 -21.31 58.31 28.01
N ASP C 408 -20.70 57.48 28.85
CA ASP C 408 -19.29 57.58 29.10
C ASP C 408 -18.50 56.99 27.98
N VAL C 409 -19.10 56.20 27.12
CA VAL C 409 -18.35 55.70 26.03
C VAL C 409 -18.36 56.70 24.92
N ARG C 410 -19.43 57.48 24.88
CA ARG C 410 -19.57 58.54 23.93
C ARG C 410 -18.61 59.70 24.30
N GLU C 411 -18.21 59.73 25.58
CA GLU C 411 -17.31 60.80 26.02
C GLU C 411 -15.96 60.38 25.59
N VAL C 412 -15.68 59.12 25.70
CA VAL C 412 -14.41 58.71 25.13
C VAL C 412 -14.41 58.95 23.66
N LEU C 413 -15.32 58.41 22.92
CA LEU C 413 -15.37 58.77 21.50
C LEU C 413 -15.18 60.27 21.29
N ARG C 414 -15.96 61.09 21.96
CA ARG C 414 -15.77 62.54 21.82
C ARG C 414 -14.34 62.90 21.99
N TYR C 415 -13.80 62.61 23.17
CA TYR C 415 -12.44 63.01 23.50
C TYR C 415 -11.53 62.62 22.40
N TYR C 416 -11.70 61.40 21.99
CA TYR C 416 -10.89 60.88 20.95
C TYR C 416 -11.05 61.75 19.74
N GLU C 417 -12.28 61.81 19.23
CA GLU C 417 -12.56 62.49 17.96
C GLU C 417 -12.16 63.92 18.03
N THR C 418 -11.58 64.32 19.14
CA THR C 418 -11.15 65.71 19.29
C THR C 418 -9.66 65.72 19.28
N THR C 419 -9.07 64.82 20.04
CA THR C 419 -7.64 64.74 20.07
C THR C 419 -7.15 64.37 18.65
N LYS C 420 -7.95 63.62 17.92
CA LYS C 420 -7.57 63.20 16.56
C LYS C 420 -7.61 64.34 15.55
N ASN C 421 -8.67 65.13 15.55
CA ASN C 421 -8.78 66.28 14.70
C ASN C 421 -7.58 67.12 14.99
N ALA C 422 -7.28 67.26 16.29
CA ALA C 422 -6.19 68.13 16.76
C ALA C 422 -4.82 67.65 16.38
N ILE C 423 -4.56 66.40 16.70
CA ILE C 423 -3.24 65.91 16.37
C ILE C 423 -3.11 65.77 14.83
N ASP C 424 -2.11 66.41 14.26
CA ASP C 424 -2.07 66.42 12.80
C ASP C 424 -0.83 66.58 11.94
N LYS C 425 0.06 67.53 12.18
CA LYS C 425 1.01 67.67 11.10
C LYS C 425 2.46 67.29 11.23
N LEU C 426 3.23 68.07 12.00
CA LEU C 426 4.67 67.84 12.00
C LEU C 426 5.18 67.36 13.35
N HIS C 427 6.28 66.78 13.46
N MET D 1 1.08 -42.92 -2.81
CA MET D 1 2.05 -42.28 -3.74
C MET D 1 3.44 -42.57 -3.21
N ASP D 2 3.51 -43.47 -2.24
CA ASP D 2 4.80 -43.87 -1.71
C ASP D 2 4.94 -45.27 -2.21
N LYS D 3 3.78 -45.89 -2.43
CA LYS D 3 3.68 -47.25 -2.93
C LYS D 3 3.83 -47.37 -4.47
N LEU D 4 3.68 -46.24 -5.18
CA LEU D 4 3.78 -46.23 -6.63
C LEU D 4 5.16 -45.85 -7.08
N GLY D 5 5.68 -44.80 -6.48
CA GLY D 5 7.00 -44.31 -6.82
C GLY D 5 8.11 -45.17 -6.24
N GLU D 6 8.08 -45.37 -4.93
CA GLU D 6 9.14 -46.16 -4.29
C GLU D 6 9.25 -47.47 -5.00
N ASN D 7 8.10 -48.06 -5.33
CA ASN D 7 8.05 -49.32 -6.06
C ASN D 7 8.46 -49.05 -7.48
N LEU D 8 8.13 -47.84 -7.97
CA LEU D 8 8.50 -47.35 -9.30
C LEU D 8 9.99 -47.33 -9.38
N ASN D 9 10.60 -46.91 -8.30
CA ASN D 9 12.04 -46.93 -8.23
C ASN D 9 12.39 -48.23 -7.57
N LYS D 10 11.38 -49.07 -7.32
CA LYS D 10 11.65 -50.38 -6.74
C LYS D 10 11.77 -51.51 -7.78
N ALA D 11 10.72 -51.74 -8.56
CA ALA D 11 10.84 -52.68 -9.69
C ALA D 11 12.08 -52.28 -10.43
N LEU D 12 12.32 -50.96 -10.46
CA LEU D 12 13.50 -50.40 -11.10
C LEU D 12 14.73 -50.62 -10.24
N ASN D 13 14.58 -50.46 -8.93
CA ASN D 13 15.67 -50.58 -7.96
C ASN D 13 16.36 -51.93 -7.90
N LYS D 14 15.86 -52.93 -8.61
CA LYS D 14 16.51 -54.24 -8.64
C LYS D 14 17.62 -54.27 -9.68
N LEU D 15 17.89 -53.10 -10.23
CA LEU D 15 18.96 -52.89 -11.19
C LEU D 15 19.10 -51.38 -11.11
N LYS D 16 19.70 -50.91 -10.04
CA LYS D 16 19.77 -49.49 -9.86
C LYS D 16 20.93 -48.95 -10.67
N ALA D 17 21.84 -49.83 -11.06
CA ALA D 17 23.00 -49.32 -11.76
C ALA D 17 24.01 -50.35 -12.21
N ALA D 18 23.59 -51.58 -12.46
CA ALA D 18 24.58 -52.58 -12.88
C ALA D 18 24.88 -52.63 -14.40
N ALA D 19 24.99 -53.85 -14.95
CA ALA D 19 25.43 -54.07 -16.33
C ALA D 19 24.50 -53.68 -17.48
N PHE D 20 25.04 -53.80 -18.70
CA PHE D 20 24.35 -53.54 -19.96
C PHE D 20 23.49 -54.73 -20.33
N VAL D 21 22.30 -54.80 -19.77
CA VAL D 21 21.36 -55.85 -20.14
C VAL D 21 20.62 -55.38 -21.38
N ASP D 22 21.14 -55.74 -22.56
CA ASP D 22 20.66 -55.19 -23.84
C ASP D 22 19.15 -55.05 -24.07
N LYS D 23 18.39 -56.07 -23.67
CA LYS D 23 16.95 -56.04 -23.94
C LYS D 23 16.16 -56.79 -22.89
N LYS D 24 16.41 -58.10 -22.82
CA LYS D 24 15.78 -59.05 -21.92
C LYS D 24 15.48 -58.48 -20.51
N LEU D 25 16.55 -58.25 -19.76
CA LEU D 25 16.39 -57.79 -18.39
C LEU D 25 15.75 -56.42 -18.32
N ILE D 26 15.79 -55.71 -19.43
CA ILE D 26 15.13 -54.42 -19.43
C ILE D 26 13.70 -54.72 -19.13
N LYS D 27 13.23 -55.92 -19.49
CA LYS D 27 11.86 -56.30 -19.23
C LYS D 27 11.65 -56.56 -17.75
N GLU D 28 12.74 -56.76 -17.02
CA GLU D 28 12.64 -57.06 -15.59
C GLU D 28 11.88 -55.94 -14.88
N VAL D 29 12.07 -54.73 -15.37
CA VAL D 29 11.37 -53.62 -14.79
C VAL D 29 10.04 -53.45 -15.53
N ILE D 30 10.18 -53.25 -16.84
CA ILE D 30 9.05 -53.02 -17.76
C ILE D 30 7.96 -54.12 -17.71
N LYS D 31 8.21 -55.17 -16.93
CA LYS D 31 7.21 -56.20 -16.77
C LYS D 31 6.57 -56.05 -15.40
N ASP D 32 7.04 -55.07 -14.64
CA ASP D 32 6.52 -54.84 -13.29
C ASP D 32 6.19 -53.34 -13.01
N ILE D 33 6.88 -52.41 -13.69
CA ILE D 33 6.54 -50.99 -13.53
C ILE D 33 5.10 -50.97 -13.96
N GLN D 34 4.76 -51.92 -14.83
CA GLN D 34 3.40 -52.04 -15.33
C GLN D 34 2.37 -52.24 -14.20
N ARG D 35 2.36 -53.42 -13.58
CA ARG D 35 1.40 -53.66 -12.53
C ARG D 35 1.33 -52.46 -11.58
N ALA D 36 2.48 -51.78 -11.44
CA ALA D 36 2.59 -50.63 -10.54
C ALA D 36 1.64 -49.55 -10.99
N LEU D 37 1.86 -49.07 -12.21
CA LEU D 37 1.00 -48.07 -12.74
C LEU D 37 -0.45 -48.44 -12.39
N ILE D 38 -0.86 -49.64 -12.80
CA ILE D 38 -2.20 -50.16 -12.59
C ILE D 38 -2.72 -49.95 -11.17
N GLN D 39 -1.99 -50.45 -10.17
CA GLN D 39 -2.38 -50.20 -8.77
C GLN D 39 -1.99 -48.77 -8.41
N ALA D 40 -2.97 -47.91 -8.59
CA ALA D 40 -2.85 -46.48 -8.44
C ALA D 40 -4.08 -46.19 -9.24
N ASP D 41 -4.83 -47.26 -9.48
CA ASP D 41 -6.02 -47.25 -10.31
C ASP D 41 -5.78 -46.35 -11.51
N VAL D 42 -4.63 -46.59 -12.13
CA VAL D 42 -4.28 -45.95 -13.38
C VAL D 42 -4.78 -46.91 -14.45
N ASN D 43 -5.48 -46.39 -15.46
CA ASN D 43 -5.96 -47.25 -16.55
C ASN D 43 -4.83 -48.16 -17.08
N VAL D 44 -5.01 -49.47 -16.86
CA VAL D 44 -4.06 -50.49 -17.29
C VAL D 44 -3.58 -50.19 -18.70
N LYS D 45 -4.54 -49.97 -19.59
CA LYS D 45 -4.28 -49.66 -21.00
C LYS D 45 -3.04 -48.75 -21.15
N LEU D 46 -3.07 -47.58 -20.53
CA LEU D 46 -1.98 -46.61 -20.66
C LEU D 46 -0.58 -47.17 -20.31
N VAL D 47 -0.54 -48.11 -19.37
CA VAL D 47 0.74 -48.72 -18.97
C VAL D 47 1.29 -49.58 -20.09
N LEU D 48 0.52 -49.62 -21.18
CA LEU D 48 0.88 -50.35 -22.37
C LEU D 48 1.61 -49.38 -23.29
N LYS D 49 1.11 -48.15 -23.38
CA LYS D 49 1.75 -47.13 -24.21
C LYS D 49 3.20 -46.94 -23.79
N MET D 50 3.37 -46.41 -22.58
CA MET D 50 4.67 -46.13 -22.00
C MET D 50 5.62 -47.34 -21.99
N SER D 51 5.04 -48.55 -21.97
CA SER D 51 5.82 -49.80 -21.93
C SER D 51 5.81 -50.50 -23.27
N LYS D 52 5.80 -49.69 -24.33
CA LYS D 52 5.81 -50.16 -25.71
C LYS D 52 6.54 -49.09 -26.49
N GLU D 53 6.76 -47.94 -25.85
CA GLU D 53 7.45 -46.84 -26.52
C GLU D 53 8.81 -46.59 -25.86
N ILE D 54 8.97 -47.06 -24.63
CA ILE D 54 10.21 -46.86 -23.89
C ILE D 54 11.25 -47.89 -24.29
N GLU D 55 10.95 -49.16 -23.99
CA GLU D 55 11.83 -50.26 -24.35
C GLU D 55 12.01 -50.19 -25.84
N ARG D 56 11.14 -49.41 -26.48
CA ARG D 56 11.18 -49.18 -27.92
C ARG D 56 12.25 -48.11 -28.17
N ARG D 57 13.21 -48.04 -27.25
CA ARG D 57 14.32 -47.11 -27.38
C ARG D 57 15.56 -47.80 -26.83
N ALA D 58 15.32 -48.68 -25.85
CA ALA D 58 16.36 -49.50 -25.24
C ALA D 58 16.52 -50.78 -26.07
N LEU D 59 15.59 -51.70 -25.91
CA LEU D 59 15.58 -52.94 -26.70
C LEU D 59 15.13 -52.65 -28.13
N GLU D 60 15.60 -51.51 -28.66
CA GLU D 60 15.23 -51.06 -29.99
C GLU D 60 16.28 -50.13 -30.59
N GLU D 61 16.48 -48.97 -29.95
CA GLU D 61 17.45 -47.96 -30.43
C GLU D 61 18.57 -47.69 -29.43
N LYS D 62 18.64 -48.55 -28.39
CA LYS D 62 19.69 -48.45 -27.38
C LYS D 62 20.93 -49.26 -27.74
N THR D 63 22.11 -48.62 -27.68
CA THR D 63 23.42 -49.26 -27.92
C THR D 63 24.30 -48.73 -26.79
N PRO D 64 25.57 -49.13 -26.73
CA PRO D 64 26.51 -48.53 -25.77
C PRO D 64 26.65 -47.03 -26.03
N LYS D 65 25.71 -46.50 -26.80
CA LYS D 65 25.66 -45.10 -27.25
C LYS D 65 25.14 -44.11 -26.17
N GLY D 66 24.95 -42.86 -26.59
CA GLY D 66 24.47 -41.77 -25.76
C GLY D 66 25.49 -41.26 -24.76
N LEU D 67 25.30 -41.67 -23.51
CA LEU D 67 26.24 -41.39 -22.44
C LEU D 67 26.73 -42.77 -22.07
N SER D 68 25.91 -43.48 -21.31
CA SER D 68 26.25 -44.83 -20.89
C SER D 68 25.05 -45.77 -21.09
N LYS D 69 24.56 -46.28 -19.97
CA LYS D 69 23.47 -47.22 -19.91
C LYS D 69 22.73 -47.03 -18.61
N LYS D 70 23.46 -47.12 -17.50
CA LYS D 70 22.85 -46.97 -16.17
C LYS D 70 21.82 -45.82 -16.13
N GLU D 71 22.07 -44.79 -16.92
CA GLU D 71 21.14 -43.66 -17.00
C GLU D 71 20.71 -43.43 -18.45
N HIS D 72 21.09 -44.35 -19.33
CA HIS D 72 20.69 -44.20 -20.72
C HIS D 72 19.21 -44.51 -20.78
N ILE D 73 18.86 -45.72 -20.37
CA ILE D 73 17.47 -46.18 -20.37
C ILE D 73 16.65 -45.41 -19.33
N ILE D 74 17.24 -45.24 -18.15
CA ILE D 74 16.56 -44.51 -17.09
C ILE D 74 16.14 -43.14 -17.55
N LYS D 75 16.91 -42.58 -18.48
CA LYS D 75 16.52 -41.31 -19.05
C LYS D 75 15.28 -41.66 -19.86
N ILE D 76 15.44 -42.66 -20.74
CA ILE D 76 14.34 -43.19 -21.54
C ILE D 76 13.27 -43.72 -20.62
N VAL D 77 13.58 -43.78 -19.33
CA VAL D 77 12.60 -44.15 -18.32
C VAL D 77 12.01 -42.89 -17.66
N TYR D 78 12.86 -42.08 -17.08
CA TYR D 78 12.35 -40.88 -16.46
C TYR D 78 11.76 -40.01 -17.53
N GLU D 79 12.38 -40.02 -18.70
CA GLU D 79 11.90 -39.21 -19.80
C GLU D 79 10.47 -39.60 -20.13
N GLU D 80 10.25 -40.89 -20.27
CA GLU D 80 8.95 -41.40 -20.67
C GLU D 80 8.00 -41.58 -19.48
N LEU D 81 8.60 -41.78 -18.31
CA LEU D 81 7.86 -41.95 -17.08
C LEU D 81 7.13 -40.66 -16.73
N VAL D 82 6.96 -39.77 -17.69
CA VAL D 82 6.31 -38.53 -17.37
C VAL D 82 5.10 -38.30 -18.26
N LYS D 83 5.30 -38.58 -19.54
CA LYS D 83 4.28 -38.38 -20.58
C LYS D 83 2.88 -38.95 -20.22
N LEU D 84 2.84 -39.86 -19.26
CA LEU D 84 1.58 -40.44 -18.85
C LEU D 84 0.63 -39.36 -18.36
N LEU D 85 1.11 -38.11 -18.33
CA LEU D 85 0.35 -36.93 -17.90
C LEU D 85 0.47 -35.71 -18.83
N GLY D 86 1.68 -35.18 -18.95
CA GLY D 86 1.94 -34.05 -19.81
C GLY D 86 3.09 -33.21 -19.28
N GLU D 87 4.26 -33.33 -19.90
CA GLU D 87 5.43 -32.53 -19.50
C GLU D 87 5.18 -31.03 -19.55
N GLU D 88 4.12 -30.61 -20.21
CA GLU D 88 3.76 -29.20 -20.30
C GLU D 88 2.35 -28.91 -19.83
N ALA D 89 2.19 -27.79 -19.15
CA ALA D 89 0.89 -27.38 -18.65
C ALA D 89 1.01 -26.16 -17.76
N LYS D 90 1.81 -26.27 -16.71
CA LYS D 90 2.05 -25.16 -15.77
C LYS D 90 2.38 -23.90 -16.55
N LYS D 91 1.40 -23.02 -16.70
CA LYS D 91 1.56 -21.76 -17.43
C LYS D 91 0.23 -21.01 -17.53
N LEU D 92 -0.24 -20.47 -16.41
CA LEU D 92 -1.55 -19.75 -16.41
C LEU D 92 -1.53 -18.25 -16.75
N GLU D 93 -2.72 -17.70 -17.05
CA GLU D 93 -2.86 -16.28 -17.29
C GLU D 93 -3.24 -15.66 -15.95
N LEU D 94 -2.84 -14.40 -15.72
CA LEU D 94 -3.14 -13.66 -14.47
C LEU D 94 -3.38 -12.15 -14.66
N ASN D 95 -2.32 -11.39 -14.94
CA ASN D 95 -2.53 -9.94 -15.14
C ASN D 95 -2.13 -9.37 -16.49
N PRO D 96 -2.76 -9.85 -17.57
CA PRO D 96 -2.48 -9.40 -18.94
C PRO D 96 -2.94 -7.96 -19.19
N LYS D 97 -4.00 -7.58 -18.50
CA LYS D 97 -4.61 -6.24 -18.55
C LYS D 97 -4.86 -5.81 -17.10
N LYS D 98 -5.96 -6.32 -16.54
CA LYS D 98 -6.40 -5.99 -15.17
C LYS D 98 -7.17 -7.12 -14.45
N GLN D 99 -8.49 -6.96 -14.40
CA GLN D 99 -9.35 -7.89 -13.69
C GLN D 99 -9.82 -8.95 -14.65
N ASN D 100 -9.69 -10.20 -14.25
CA ASN D 100 -10.07 -11.29 -15.11
C ASN D 100 -10.03 -12.56 -14.27
N VAL D 101 -10.92 -12.63 -13.29
CA VAL D 101 -10.93 -13.71 -12.31
C VAL D 101 -11.15 -15.17 -12.77
N ILE D 102 -11.10 -16.09 -11.79
CA ILE D 102 -11.34 -17.51 -12.01
C ILE D 102 -12.36 -18.10 -11.01
N LEU D 103 -13.23 -18.98 -11.47
CA LEU D 103 -14.16 -19.60 -10.55
C LEU D 103 -13.58 -20.92 -10.01
N LEU D 104 -13.85 -21.24 -8.76
CA LEU D 104 -13.39 -22.48 -8.20
C LEU D 104 -14.54 -23.45 -8.27
N VAL D 105 -14.55 -24.25 -9.32
CA VAL D 105 -15.60 -25.21 -9.56
C VAL D 105 -15.19 -26.59 -9.10
N GLY D 106 -15.70 -26.96 -7.93
CA GLY D 106 -15.40 -28.24 -7.31
C GLY D 106 -16.62 -29.04 -6.92
N ILE D 107 -16.50 -30.35 -6.96
CA ILE D 107 -17.63 -31.19 -6.61
C ILE D 107 -17.89 -31.05 -5.12
N GLN D 108 -17.85 -32.16 -4.39
CA GLN D 108 -17.95 -32.13 -2.95
C GLN D 108 -17.03 -33.23 -2.49
N GLY D 109 -16.39 -33.05 -1.34
CA GLY D 109 -15.39 -33.98 -0.83
C GLY D 109 -14.04 -33.70 -1.50
N SER D 110 -13.88 -32.46 -1.96
CA SER D 110 -12.66 -32.02 -2.63
C SER D 110 -12.01 -30.91 -1.80
N GLY D 111 -12.35 -29.67 -2.15
CA GLY D 111 -11.85 -28.48 -1.47
C GLY D 111 -11.96 -27.24 -2.33
N LYS D 112 -12.93 -27.22 -3.24
CA LYS D 112 -13.04 -26.08 -4.09
C LYS D 112 -12.97 -25.02 -3.06
N THR D 113 -13.40 -25.41 -1.87
CA THR D 113 -13.46 -24.52 -0.72
C THR D 113 -12.02 -24.31 -0.29
N THR D 114 -11.50 -25.31 0.42
CA THR D 114 -10.14 -25.29 0.91
C THR D 114 -9.17 -24.83 -0.17
N THR D 115 -9.40 -25.27 -1.39
CA THR D 115 -8.47 -24.94 -2.46
C THR D 115 -8.53 -23.46 -2.85
N ALA D 116 -9.45 -22.74 -2.22
CA ALA D 116 -9.56 -21.32 -2.48
C ALA D 116 -9.00 -20.55 -1.28
N ALA D 117 -8.42 -21.28 -0.34
CA ALA D 117 -7.83 -20.67 0.83
C ALA D 117 -6.43 -21.22 0.88
N LYS D 118 -6.27 -22.47 0.45
CA LYS D 118 -4.93 -23.03 0.28
C LYS D 118 -4.37 -22.21 -0.88
N LEU D 119 -5.23 -21.93 -1.85
CA LEU D 119 -4.87 -21.12 -2.98
C LEU D 119 -5.41 -19.76 -2.66
N ALA D 120 -4.66 -19.04 -1.84
CA ALA D 120 -5.04 -17.69 -1.46
C ALA D 120 -3.76 -16.95 -1.16
N ARG D 121 -2.95 -17.52 -0.27
CA ARG D 121 -1.66 -16.94 0.05
C ARG D 121 -0.69 -17.13 -1.13
N TYR D 122 -1.00 -18.09 -2.00
CA TYR D 122 -0.13 -18.37 -3.13
C TYR D 122 -0.07 -17.23 -4.15
N ILE D 123 -1.22 -16.88 -4.72
CA ILE D 123 -1.32 -15.79 -5.69
C ILE D 123 -0.55 -14.59 -5.19
N GLN D 124 -0.53 -14.42 -3.86
CA GLN D 124 0.13 -13.28 -3.23
C GLN D 124 1.65 -13.43 -3.08
N LYS D 125 2.06 -14.47 -2.36
CA LYS D 125 3.48 -14.70 -2.12
C LYS D 125 4.21 -14.67 -3.47
N ARG D 126 3.51 -15.13 -4.50
CA ARG D 126 4.05 -15.11 -5.84
C ARG D 126 4.27 -13.65 -6.20
N GLY D 127 3.20 -12.94 -6.51
CA GLY D 127 3.33 -11.54 -6.86
C GLY D 127 2.05 -10.80 -7.18
N LEU D 128 1.05 -10.93 -6.31
CA LEU D 128 -0.23 -10.19 -6.45
C LEU D 128 -1.12 -10.32 -5.21
N LYS D 129 -2.01 -9.35 -5.02
CA LYS D 129 -2.99 -9.44 -3.94
C LYS D 129 -4.29 -9.98 -4.53
N PRO D 130 -4.98 -10.83 -3.76
CA PRO D 130 -6.24 -11.45 -4.19
C PRO D 130 -7.51 -10.86 -3.55
N ALA D 131 -8.62 -11.59 -3.68
CA ALA D 131 -9.91 -11.21 -3.07
C ALA D 131 -10.94 -12.31 -3.32
N LEU D 132 -11.27 -13.05 -2.26
CA LEU D 132 -12.14 -14.20 -2.41
C LEU D 132 -13.60 -13.99 -2.03
N ILE D 133 -14.49 -14.58 -2.83
CA ILE D 133 -15.92 -14.48 -2.61
C ILE D 133 -16.66 -15.80 -2.82
N ALA D 134 -17.78 -15.96 -2.09
CA ALA D 134 -18.59 -17.17 -2.06
C ALA D 134 -19.45 -17.42 -3.29
N ALA D 135 -20.40 -18.33 -3.19
CA ALA D 135 -21.32 -18.56 -4.29
C ALA D 135 -22.32 -19.69 -3.95
N ASP D 136 -21.86 -20.71 -3.23
CA ASP D 136 -22.74 -21.83 -2.92
C ASP D 136 -23.15 -21.88 -1.45
N THR D 137 -23.33 -23.10 -0.95
CA THR D 137 -23.76 -23.32 0.43
C THR D 137 -22.65 -23.95 1.30
N TYR D 138 -21.77 -23.10 1.85
CA TYR D 138 -20.74 -23.55 2.78
C TYR D 138 -21.53 -23.84 4.08
N ARG D 139 -20.87 -23.80 5.23
CA ARG D 139 -21.58 -24.06 6.49
C ARG D 139 -20.99 -23.27 7.66
N PRO D 140 -21.78 -23.18 8.74
CA PRO D 140 -21.35 -22.50 9.98
C PRO D 140 -20.13 -23.19 10.60
N ALA D 141 -19.44 -23.96 9.78
CA ALA D 141 -18.23 -24.65 10.17
C ALA D 141 -17.17 -24.44 9.07
N ALA D 142 -17.60 -24.38 7.82
CA ALA D 142 -16.68 -24.11 6.73
C ALA D 142 -16.01 -22.81 7.10
N TYR D 143 -16.83 -21.88 7.61
CA TYR D 143 -16.33 -20.61 8.09
C TYR D 143 -15.46 -20.87 9.33
N GLU D 144 -14.15 -20.94 9.13
CA GLU D 144 -13.19 -21.17 10.21
C GLU D 144 -11.89 -21.49 9.48
N GLN D 145 -11.93 -22.55 8.67
CA GLN D 145 -10.83 -22.91 7.81
C GLN D 145 -11.05 -22.08 6.55
N LEU D 146 -11.88 -21.07 6.70
CA LEU D 146 -12.21 -20.19 5.62
C LEU D 146 -12.17 -18.82 6.21
N LYS D 147 -13.13 -18.59 7.11
CA LYS D 147 -13.26 -17.31 7.81
C LYS D 147 -11.89 -16.74 8.18
N GLN D 148 -11.28 -17.31 9.22
CA GLN D 148 -9.98 -16.86 9.69
C GLN D 148 -8.90 -17.04 8.63
N LEU D 149 -9.12 -17.97 7.71
CA LEU D 149 -8.16 -18.23 6.64
C LEU D 149 -8.14 -17.09 5.62
N ALA D 150 -8.96 -16.08 5.86
CA ALA D 150 -8.97 -14.91 4.99
C ALA D 150 -8.28 -13.75 5.76
N GLU D 151 -8.12 -13.97 7.07
CA GLU D 151 -7.44 -13.04 7.96
C GLU D 151 -6.10 -13.67 8.38
N LYS D 152 -5.83 -14.84 7.85
CA LYS D 152 -4.56 -15.52 8.05
C LYS D 152 -3.56 -14.76 7.18
N ILE D 153 -4.11 -14.08 6.19
CA ILE D 153 -3.36 -13.22 5.30
C ILE D 153 -4.20 -11.96 5.07
N HIS D 154 -3.98 -11.29 3.95
CA HIS D 154 -4.76 -10.11 3.68
C HIS D 154 -5.61 -10.30 2.42
N VAL D 155 -6.84 -10.79 2.58
CA VAL D 155 -7.77 -10.93 1.46
C VAL D 155 -9.20 -10.81 1.92
N PRO D 156 -9.75 -9.60 1.90
CA PRO D 156 -11.16 -9.41 2.27
C PRO D 156 -12.04 -10.31 1.37
N ILE D 157 -13.14 -10.79 1.95
CA ILE D 157 -14.01 -11.75 1.29
C ILE D 157 -15.46 -11.28 1.27
N TYR D 158 -16.38 -12.23 1.20
CA TYR D 158 -17.79 -11.88 1.31
C TYR D 158 -18.67 -13.05 1.70
N GLY D 159 -19.68 -12.76 2.50
CA GLY D 159 -20.65 -13.76 2.91
C GLY D 159 -22.09 -13.27 2.93
N ASP D 160 -23.01 -14.24 3.06
CA ASP D 160 -24.45 -14.03 3.22
C ASP D 160 -24.88 -15.42 3.55
N GLU D 161 -25.89 -15.58 4.37
CA GLU D 161 -26.26 -16.93 4.74
C GLU D 161 -27.69 -16.97 5.18
N THR D 162 -28.58 -16.62 4.26
CA THR D 162 -30.00 -16.61 4.59
C THR D 162 -30.83 -16.92 3.34
N ARG D 163 -30.91 -15.98 2.41
CA ARG D 163 -31.53 -16.21 1.12
C ARG D 163 -30.58 -15.61 0.13
N THR D 164 -30.37 -16.32 -0.97
CA THR D 164 -29.43 -15.86 -1.95
C THR D 164 -29.66 -16.62 -3.23
N LYS D 165 -28.86 -16.25 -4.21
CA LYS D 165 -28.67 -16.97 -5.46
C LYS D 165 -27.22 -16.59 -5.67
N SER D 166 -26.41 -17.50 -6.15
CA SER D 166 -25.01 -17.15 -6.35
C SER D 166 -24.84 -15.85 -7.16
N PRO D 167 -25.55 -15.70 -8.29
CA PRO D 167 -25.34 -14.58 -9.21
C PRO D 167 -25.84 -13.22 -8.79
N VAL D 168 -25.83 -12.89 -7.52
CA VAL D 168 -26.20 -11.55 -7.11
C VAL D 168 -25.27 -11.25 -5.96
N ASP D 169 -24.37 -12.19 -5.71
CA ASP D 169 -23.40 -12.00 -4.67
C ASP D 169 -22.10 -11.89 -5.42
N ILE D 170 -22.14 -12.38 -6.65
CA ILE D 170 -21.03 -12.26 -7.57
C ILE D 170 -21.30 -11.00 -8.39
N VAL D 171 -22.43 -10.98 -9.11
CA VAL D 171 -22.80 -9.85 -9.94
C VAL D 171 -22.57 -8.58 -9.13
N LYS D 172 -22.80 -8.72 -7.82
CA LYS D 172 -22.67 -7.61 -6.87
C LYS D 172 -21.33 -7.54 -6.15
N GLU D 173 -20.65 -8.65 -5.94
CA GLU D 173 -19.33 -8.56 -5.32
C GLU D 173 -18.21 -8.86 -6.31
N GLY D 174 -18.30 -10.02 -6.96
CA GLY D 174 -17.35 -10.34 -8.00
C GLY D 174 -17.16 -9.07 -8.82
N MET D 175 -18.28 -8.51 -9.28
CA MET D 175 -18.23 -7.33 -10.14
C MET D 175 -17.99 -6.03 -9.39
N GLU D 176 -18.23 -6.01 -8.09
CA GLU D 176 -18.12 -4.75 -7.36
C GLU D 176 -16.83 -4.44 -6.60
N LYS D 177 -16.14 -5.44 -6.03
CA LYS D 177 -14.91 -5.15 -5.28
C LYS D 177 -13.69 -4.91 -6.18
N PHE D 178 -13.95 -4.29 -7.33
CA PHE D 178 -13.00 -4.03 -8.39
C PHE D 178 -12.41 -2.62 -8.30
N LYS D 179 -12.61 -1.94 -7.17
CA LYS D 179 -11.99 -0.60 -7.03
C LYS D 179 -10.48 -0.78 -6.90
N LYS D 180 -10.05 -2.00 -6.56
CA LYS D 180 -8.63 -2.32 -6.48
C LYS D 180 -8.32 -3.74 -6.01
N ALA D 181 -7.81 -4.58 -6.93
CA ALA D 181 -7.39 -5.96 -6.65
C ALA D 181 -7.18 -6.86 -7.87
N ASP D 182 -6.03 -6.72 -8.51
CA ASP D 182 -5.62 -7.49 -9.71
C ASP D 182 -6.55 -8.56 -10.31
N VAL D 183 -6.63 -9.72 -9.65
CA VAL D 183 -7.46 -10.82 -10.16
C VAL D 183 -8.12 -11.64 -9.07
N LEU D 184 -9.41 -11.40 -8.82
CA LEU D 184 -10.17 -12.12 -7.80
C LEU D 184 -10.30 -13.63 -8.02
N ILE D 185 -11.15 -14.22 -7.20
CA ILE D 185 -11.42 -15.63 -7.28
C ILE D 185 -12.73 -15.94 -6.56
N ILE D 186 -13.58 -16.72 -7.23
CA ILE D 186 -14.89 -17.07 -6.70
C ILE D 186 -15.01 -18.55 -6.49
N ASP D 187 -15.70 -18.90 -5.41
CA ASP D 187 -15.94 -20.28 -5.01
C ASP D 187 -17.37 -20.70 -5.37
N THR D 188 -17.55 -21.31 -6.54
CA THR D 188 -18.89 -21.53 -7.12
C THR D 188 -19.62 -22.87 -6.90
N ALA D 189 -18.96 -24.00 -7.21
CA ALA D 189 -19.59 -25.33 -7.09
C ALA D 189 -20.05 -25.66 -5.66
N GLY D 190 -19.35 -26.56 -4.96
CA GLY D 190 -19.63 -26.78 -3.54
C GLY D 190 -20.11 -28.10 -2.96
N ARG D 191 -21.37 -28.43 -3.17
CA ARG D 191 -21.97 -29.59 -2.53
C ARG D 191 -22.74 -30.50 -3.47
N HIS D 192 -22.07 -31.06 -4.48
CA HIS D 192 -22.75 -32.01 -5.35
C HIS D 192 -22.15 -33.39 -5.20
N LYS D 193 -22.11 -34.10 -6.33
CA LYS D 193 -21.48 -35.41 -6.45
C LYS D 193 -21.45 -35.84 -7.92
N GLU D 194 -22.61 -36.05 -8.53
CA GLU D 194 -22.70 -36.48 -9.93
C GLU D 194 -22.04 -35.44 -10.82
N GLU D 195 -21.19 -35.95 -11.71
CA GLU D 195 -20.36 -35.14 -12.60
C GLU D 195 -21.02 -34.22 -13.64
N LYS D 196 -22.32 -33.98 -13.60
CA LYS D 196 -22.86 -33.03 -14.57
C LYS D 196 -23.07 -31.66 -13.96
N GLY D 197 -23.61 -31.65 -12.75
CA GLY D 197 -23.89 -30.43 -12.00
C GLY D 197 -22.94 -29.24 -12.14
N LEU D 198 -21.87 -29.23 -11.36
CA LEU D 198 -20.95 -28.10 -11.39
C LEU D 198 -20.79 -27.52 -12.80
N LEU D 199 -20.71 -28.38 -13.80
CA LEU D 199 -20.55 -27.92 -15.16
C LEU D 199 -21.57 -26.83 -15.51
N GLU D 200 -22.55 -26.63 -14.64
CA GLU D 200 -23.54 -25.57 -14.84
C GLU D 200 -23.43 -24.55 -13.71
N GLU D 201 -22.89 -25.00 -12.58
CA GLU D 201 -22.67 -24.11 -11.44
C GLU D 201 -21.46 -23.28 -11.80
N MET D 202 -21.48 -22.84 -13.05
CA MET D 202 -20.49 -21.98 -13.70
C MET D 202 -20.89 -21.86 -15.16
N LYS D 203 -21.75 -22.79 -15.60
CA LYS D 203 -22.26 -22.75 -16.96
C LYS D 203 -23.15 -21.52 -17.13
N GLN D 204 -24.31 -21.49 -16.48
CA GLN D 204 -25.13 -20.28 -16.56
C GLN D 204 -24.37 -19.09 -15.98
N ILE D 205 -23.39 -19.39 -15.12
CA ILE D 205 -22.50 -18.38 -14.53
C ILE D 205 -21.51 -17.90 -15.59
N LYS D 206 -21.29 -18.73 -16.60
CA LYS D 206 -20.41 -18.33 -17.67
C LYS D 206 -20.91 -17.01 -18.25
N GLU D 207 -22.04 -17.12 -18.97
CA GLU D 207 -22.65 -15.99 -19.68
C GLU D 207 -22.98 -14.77 -18.79
N ILE D 208 -22.82 -14.94 -17.48
CA ILE D 208 -23.03 -13.82 -16.58
C ILE D 208 -21.69 -13.48 -15.89
N THR D 209 -20.61 -14.00 -16.45
CA THR D 209 -19.28 -13.76 -15.91
C THR D 209 -18.23 -13.90 -17.02
N ASN D 210 -17.26 -13.00 -17.01
CA ASN D 210 -16.25 -13.02 -18.05
C ASN D 210 -14.83 -13.35 -17.54
N PRO D 211 -14.68 -14.45 -16.78
CA PRO D 211 -13.38 -14.89 -16.23
C PRO D 211 -12.28 -15.25 -17.23
N ASP D 212 -11.05 -15.32 -16.74
CA ASP D 212 -9.93 -15.68 -17.58
C ASP D 212 -9.93 -17.20 -17.80
N GLU D 213 -10.26 -17.93 -16.74
CA GLU D 213 -10.27 -19.37 -16.80
C GLU D 213 -11.16 -19.89 -15.70
N ILE D 214 -11.13 -21.20 -15.52
CA ILE D 214 -11.79 -21.89 -14.42
C ILE D 214 -10.96 -23.11 -14.04
N ILE D 215 -10.16 -22.98 -13.00
CA ILE D 215 -9.39 -24.09 -12.51
C ILE D 215 -10.28 -25.09 -11.82
N LEU D 216 -10.35 -26.30 -12.36
CA LEU D 216 -11.13 -27.38 -11.76
C LEU D 216 -10.43 -27.97 -10.53
N VAL D 217 -11.20 -28.43 -9.55
CA VAL D 217 -10.63 -29.02 -8.33
C VAL D 217 -11.02 -30.48 -8.09
N ILE D 218 -10.14 -31.44 -8.34
CA ILE D 218 -10.49 -32.85 -8.10
C ILE D 218 -9.58 -33.55 -7.09
N ASP D 219 -9.88 -34.82 -6.84
CA ASP D 219 -9.11 -35.65 -5.90
C ASP D 219 -8.66 -36.95 -6.52
N GLY D 220 -7.36 -37.20 -6.41
CA GLY D 220 -6.77 -38.43 -6.91
C GLY D 220 -7.32 -39.58 -6.10
N THR D 221 -7.52 -39.32 -4.81
CA THR D 221 -8.05 -40.31 -3.88
C THR D 221 -8.78 -41.42 -4.60
N ILE D 222 -9.69 -41.04 -5.49
CA ILE D 222 -10.54 -41.99 -6.20
C ILE D 222 -9.87 -42.66 -7.44
N GLY D 223 -8.57 -42.89 -7.37
CA GLY D 223 -7.84 -43.50 -8.46
C GLY D 223 -7.97 -42.74 -9.76
N GLN D 224 -8.59 -43.36 -10.76
CA GLN D 224 -8.81 -42.72 -12.04
C GLN D 224 -10.29 -42.36 -12.27
N GLN D 225 -11.11 -42.43 -11.22
CA GLN D 225 -12.54 -42.15 -11.30
C GLN D 225 -12.72 -40.67 -11.54
N ALA D 226 -11.60 -39.98 -11.54
CA ALA D 226 -11.54 -38.58 -11.85
C ALA D 226 -11.17 -38.59 -13.32
N GLY D 227 -11.03 -39.80 -13.85
CA GLY D 227 -10.70 -40.01 -15.23
C GLY D 227 -11.60 -39.19 -16.10
N ILE D 228 -12.91 -39.47 -16.04
CA ILE D 228 -13.85 -38.72 -16.87
C ILE D 228 -14.12 -37.34 -16.30
N GLN D 229 -14.04 -37.22 -14.97
CA GLN D 229 -14.22 -35.95 -14.27
C GLN D 229 -13.44 -34.84 -14.94
N ALA D 230 -12.40 -35.26 -15.66
CA ALA D 230 -11.55 -34.34 -16.40
C ALA D 230 -12.28 -33.96 -17.68
N LYS D 231 -12.20 -34.78 -18.72
CA LYS D 231 -12.90 -34.48 -19.98
C LYS D 231 -14.38 -34.20 -19.75
N ALA D 232 -14.89 -34.60 -18.58
CA ALA D 232 -16.26 -34.25 -18.22
C ALA D 232 -16.38 -32.73 -18.28
N PHE D 233 -15.29 -32.03 -17.97
CA PHE D 233 -15.24 -30.57 -18.05
C PHE D 233 -14.52 -30.06 -19.29
N LYS D 234 -13.35 -30.62 -19.57
CA LYS D 234 -12.59 -30.25 -20.75
C LYS D 234 -13.40 -30.66 -21.99
N GLU D 235 -14.15 -31.75 -21.89
CA GLU D 235 -15.05 -32.07 -22.97
C GLU D 235 -16.35 -31.39 -22.60
N ALA D 236 -16.24 -30.17 -22.10
CA ALA D 236 -17.40 -29.38 -21.71
C ALA D 236 -17.13 -27.88 -21.89
N VAL D 237 -15.97 -27.42 -21.41
CA VAL D 237 -15.56 -26.03 -21.58
C VAL D 237 -14.29 -25.99 -22.41
N GLY D 238 -14.34 -25.25 -23.51
CA GLY D 238 -13.23 -25.17 -24.44
C GLY D 238 -11.91 -24.68 -23.87
N GLU D 239 -11.19 -25.57 -23.21
CA GLU D 239 -9.86 -25.25 -22.69
C GLU D 239 -9.74 -23.87 -22.06
N ILE D 240 -10.88 -23.19 -21.87
CA ILE D 240 -10.87 -21.88 -21.21
C ILE D 240 -10.81 -22.03 -19.68
N GLY D 241 -10.65 -23.29 -19.22
CA GLY D 241 -10.50 -23.65 -17.80
C GLY D 241 -9.50 -24.77 -17.45
N SER D 242 -8.66 -24.52 -16.44
CA SER D 242 -7.61 -25.48 -16.07
C SER D 242 -8.02 -26.51 -15.02
N ILE D 243 -7.05 -27.29 -14.52
CA ILE D 243 -7.32 -28.32 -13.49
C ILE D 243 -6.40 -28.26 -12.25
N ILE D 244 -6.86 -28.84 -11.16
CA ILE D 244 -6.09 -28.92 -9.93
C ILE D 244 -6.57 -30.07 -9.08
N VAL D 245 -5.84 -31.19 -9.18
CA VAL D 245 -6.12 -32.39 -8.40
C VAL D 245 -5.52 -32.10 -7.05
N THR D 246 -6.37 -32.02 -6.01
CA THR D 246 -5.92 -31.52 -4.70
C THR D 246 -5.21 -32.45 -3.72
N LYS D 247 -5.77 -33.62 -3.48
CA LYS D 247 -5.17 -34.50 -2.48
C LYS D 247 -4.26 -35.57 -3.06
N LEU D 248 -2.98 -35.46 -2.69
CA LEU D 248 -1.91 -36.36 -3.18
C LEU D 248 -1.05 -37.05 -2.11
N ASP D 249 -0.35 -36.26 -1.29
CA ASP D 249 0.57 -36.75 -0.24
C ASP D 249 0.27 -38.15 0.28
N GLY D 250 -1.01 -38.44 0.42
CA GLY D 250 -1.44 -39.76 0.86
C GLY D 250 -2.67 -40.23 0.10
N SER D 251 -2.46 -41.19 -0.80
CA SER D 251 -3.54 -41.80 -1.56
C SER D 251 -2.86 -42.76 -2.48
N ALA D 252 -2.90 -44.03 -2.11
CA ALA D 252 -2.24 -45.04 -2.90
C ALA D 252 -2.76 -44.96 -4.31
N LYS D 253 -4.06 -44.82 -4.42
CA LYS D 253 -4.71 -44.73 -5.71
C LYS D 253 -4.21 -43.50 -6.47
N GLY D 254 -3.66 -42.54 -5.75
CA GLY D 254 -3.19 -41.27 -6.30
C GLY D 254 -2.28 -41.26 -7.52
N GLY D 255 -1.68 -42.39 -7.85
CA GLY D 255 -0.83 -42.47 -9.03
C GLY D 255 -1.83 -42.43 -10.16
N GLY D 256 -3.03 -42.87 -9.81
CA GLY D 256 -4.15 -42.91 -10.72
C GLY D 256 -4.74 -41.55 -10.93
N ALA D 257 -4.42 -40.59 -10.08
CA ALA D 257 -4.95 -39.25 -10.28
C ALA D 257 -4.09 -38.61 -11.36
N LEU D 258 -2.80 -38.55 -11.08
CA LEU D 258 -1.82 -37.96 -11.97
C LEU D 258 -1.60 -38.76 -13.25
N SER D 259 -2.39 -39.82 -13.44
CA SER D 259 -2.31 -40.66 -14.63
C SER D 259 -3.40 -40.28 -15.61
N ALA D 260 -4.65 -40.48 -15.19
CA ALA D 260 -5.79 -40.13 -16.03
C ALA D 260 -5.86 -38.63 -16.33
N VAL D 261 -5.05 -38.21 -17.31
CA VAL D 261 -5.00 -36.82 -17.75
C VAL D 261 -4.28 -36.62 -19.09
N ALA D 262 -3.17 -37.33 -19.33
CA ALA D 262 -2.41 -37.14 -20.56
C ALA D 262 -3.27 -37.14 -21.82
N GLU D 263 -4.15 -38.13 -21.88
CA GLU D 263 -5.04 -38.31 -23.01
C GLU D 263 -5.97 -37.11 -23.20
N THR D 264 -6.28 -36.45 -22.09
CA THR D 264 -7.19 -35.30 -22.06
C THR D 264 -6.50 -33.94 -22.16
N LYS D 265 -5.24 -33.90 -22.59
CA LYS D 265 -4.51 -32.64 -22.71
C LYS D 265 -5.08 -31.66 -21.74
N ALA D 266 -5.18 -32.12 -20.50
CA ALA D 266 -5.64 -31.30 -19.39
C ALA D 266 -4.42 -30.74 -18.68
N PRO D 267 -4.19 -29.46 -18.86
CA PRO D 267 -3.07 -28.78 -18.20
C PRO D 267 -3.20 -28.77 -16.66
N ILE D 268 -3.06 -29.90 -15.96
CA ILE D 268 -3.10 -29.88 -14.50
C ILE D 268 -2.13 -28.79 -14.04
N LYS D 269 -2.51 -27.98 -13.04
CA LYS D 269 -1.65 -26.86 -12.63
C LYS D 269 -1.07 -26.89 -11.21
N PHE D 270 -1.89 -27.29 -10.24
CA PHE D 270 -1.48 -27.33 -8.83
C PHE D 270 -1.72 -28.69 -8.16
N ILE D 271 -1.01 -28.97 -7.08
CA ILE D 271 -1.22 -30.21 -6.35
C ILE D 271 -1.33 -29.93 -4.86
N GLY D 272 -2.39 -30.40 -4.23
CA GLY D 272 -2.56 -30.23 -2.81
C GLY D 272 -1.58 -31.12 -2.08
N ILE D 273 -0.97 -30.61 -1.00
CA ILE D 273 -0.02 -31.37 -0.20
C ILE D 273 -0.10 -31.02 1.30
N GLY D 274 0.03 -29.74 1.60
CA GLY D 274 0.02 -29.28 2.98
C GLY D 274 -1.35 -28.85 3.43
N GLU D 275 -1.40 -27.80 4.26
CA GLU D 275 -2.66 -27.26 4.79
C GLU D 275 -2.62 -25.73 4.73
N GLY D 276 -1.51 -25.21 4.23
CA GLY D 276 -1.31 -23.78 4.14
C GLY D 276 -0.84 -23.38 2.76
N ILE D 277 0.45 -23.09 2.62
CA ILE D 277 1.08 -22.70 1.35
C ILE D 277 2.53 -23.10 1.39
N ASP D 278 2.98 -23.37 2.60
CA ASP D 278 4.35 -23.77 2.88
C ASP D 278 4.58 -25.17 2.37
N ASP D 279 3.49 -25.84 2.00
CA ASP D 279 3.55 -27.22 1.54
C ASP D 279 2.73 -27.39 0.25
N LEU D 280 2.18 -26.28 -0.27
CA LEU D 280 1.42 -26.31 -1.52
C LEU D 280 2.24 -25.68 -2.63
N GLU D 281 2.97 -26.53 -3.33
CA GLU D 281 3.82 -26.12 -4.41
C GLU D 281 3.02 -26.31 -5.69
N PRO D 282 3.51 -25.74 -6.81
CA PRO D 282 2.87 -25.92 -8.15
C PRO D 282 2.86 -27.40 -8.56
N PHE D 283 3.33 -27.69 -9.77
CA PHE D 283 3.40 -29.07 -10.25
C PHE D 283 4.29 -29.19 -11.47
N ASP D 284 5.16 -30.19 -11.46
CA ASP D 284 6.03 -30.45 -12.59
C ASP D 284 6.17 -31.93 -12.76
N PRO D 285 5.83 -32.42 -13.94
CA PRO D 285 6.01 -33.83 -14.22
C PRO D 285 7.50 -34.12 -14.13
N LYS D 286 8.31 -33.08 -14.04
CA LYS D 286 9.75 -33.28 -13.96
C LYS D 286 10.20 -33.17 -12.52
N LYS D 287 9.29 -32.72 -11.66
CA LYS D 287 9.55 -32.57 -10.22
C LYS D 287 8.95 -33.74 -9.45
N PHE D 288 7.64 -33.82 -9.48
CA PHE D 288 6.86 -34.86 -8.78
C PHE D 288 7.58 -36.19 -8.77
N ILE D 289 8.18 -36.52 -9.91
CA ILE D 289 8.93 -37.75 -10.05
C ILE D 289 10.33 -37.60 -9.49
N SER D 290 10.97 -36.46 -9.74
CA SER D 290 12.32 -36.23 -9.22
C SER D 290 12.31 -36.38 -7.69
N ARG D 291 11.11 -36.25 -7.11
CA ARG D 291 10.90 -36.44 -5.69
C ARG D 291 10.58 -37.91 -5.53
N LEU D 292 11.35 -38.72 -6.24
CA LEU D 292 11.20 -40.17 -6.26
C LEU D 292 12.45 -40.73 -6.95
N LEU D 293 13.20 -39.88 -7.66
CA LEU D 293 14.38 -40.36 -8.40
C LEU D 293 15.54 -39.46 -8.95
N GLY D 294 15.81 -38.24 -8.47
CA GLY D 294 16.97 -37.49 -9.01
C GLY D 294 16.73 -36.95 -10.41
N MET D 295 17.47 -35.94 -10.87
CA MET D 295 17.11 -35.33 -12.17
C MET D 295 18.10 -35.66 -13.26
N GLY D 296 18.58 -34.65 -13.96
CA GLY D 296 19.62 -34.90 -14.93
C GLY D 296 19.08 -35.10 -16.33
N ASP D 297 18.80 -33.98 -16.96
CA ASP D 297 18.41 -33.98 -18.34
C ASP D 297 18.79 -32.61 -18.89
N LEU D 298 18.70 -32.41 -20.19
CA LEU D 298 19.17 -31.15 -20.76
C LEU D 298 18.22 -30.41 -21.71
N GLU D 299 18.78 -29.40 -22.36
CA GLU D 299 18.07 -28.63 -23.39
C GLU D 299 18.71 -29.00 -24.72
N SER D 300 18.22 -28.43 -25.81
CA SER D 300 18.78 -28.70 -27.13
C SER D 300 18.49 -27.58 -28.14
N LEU D 301 17.40 -27.75 -28.89
CA LEU D 301 17.06 -26.86 -30.00
C LEU D 301 16.63 -25.44 -29.68
N LEU D 302 15.36 -25.24 -29.34
CA LEU D 302 14.90 -23.88 -29.06
C LEU D 302 14.45 -23.64 -27.62
N GLU D 303 14.94 -22.54 -27.04
CA GLU D 303 14.58 -22.13 -25.68
C GLU D 303 13.23 -21.42 -25.67
N LYS D 304 12.60 -21.34 -26.85
CA LYS D 304 11.29 -20.74 -27.03
C LYS D 304 10.40 -20.95 -25.82
N ALA D 305 9.56 -21.98 -25.88
CA ALA D 305 8.68 -22.32 -24.77
C ALA D 305 9.15 -23.62 -24.13
N GLU D 306 8.99 -24.73 -24.85
CA GLU D 306 9.45 -26.01 -24.32
C GLU D 306 9.98 -26.96 -25.38
N ASP D 307 10.72 -27.94 -24.90
CA ASP D 307 11.48 -28.89 -25.71
C ASP D 307 10.82 -29.39 -26.98
N MET D 308 11.68 -29.82 -27.90
CA MET D 308 11.27 -30.42 -29.16
C MET D 308 10.64 -31.79 -28.91
N VAL D 309 10.17 -31.97 -27.67
CA VAL D 309 9.54 -33.22 -27.24
C VAL D 309 8.51 -32.80 -26.20
N ASP D 310 8.39 -31.49 -26.05
CA ASP D 310 7.43 -30.90 -25.12
C ASP D 310 6.42 -30.16 -25.93
N GLU D 311 6.59 -28.85 -26.04
CA GLU D 311 5.68 -28.06 -26.89
C GLU D 311 5.50 -28.76 -28.26
N LYS D 312 6.58 -29.40 -28.74
CA LYS D 312 6.58 -30.12 -30.01
C LYS D 312 5.34 -31.01 -30.15
N THR D 313 5.47 -32.24 -29.67
CA THR D 313 4.37 -33.19 -29.70
C THR D 313 3.08 -32.56 -29.18
N GLU D 314 3.23 -31.59 -28.27
CA GLU D 314 2.09 -30.92 -27.60
C GLU D 314 1.34 -30.01 -28.55
N GLU D 315 1.12 -30.54 -29.75
CA GLU D 315 0.37 -29.89 -30.81
C GLU D 315 -0.17 -31.07 -31.64
N SER D 316 0.63 -32.13 -31.67
CA SER D 316 0.26 -33.40 -32.30
C SER D 316 -0.73 -34.08 -31.35
N ILE D 317 -0.37 -34.07 -30.07
CA ILE D 317 -1.17 -34.66 -29.01
C ILE D 317 -2.39 -33.80 -28.86
N ASP D 318 -2.14 -32.49 -28.99
CA ASP D 318 -3.17 -31.45 -29.00
C ASP D 318 -4.19 -31.73 -30.09
N ALA D 319 -3.68 -32.18 -31.24
CA ALA D 319 -4.53 -32.50 -32.37
C ALA D 319 -5.28 -33.81 -32.13
N ILE D 320 -5.94 -33.92 -30.98
CA ILE D 320 -6.74 -35.11 -30.64
C ILE D 320 -7.76 -35.39 -31.74
N MET D 321 -7.99 -34.37 -32.55
CA MET D 321 -8.89 -34.46 -33.67
C MET D 321 -8.51 -33.43 -34.72
N ARG D 322 -9.52 -32.86 -35.38
CA ARG D 322 -9.32 -31.84 -36.41
C ARG D 322 -8.48 -30.62 -35.98
N GLY D 323 -9.09 -29.43 -36.01
CA GLY D 323 -8.38 -28.22 -35.67
C GLY D 323 -7.11 -28.20 -36.46
N LYS D 324 -7.24 -27.90 -37.76
CA LYS D 324 -6.12 -27.94 -38.71
C LYS D 324 -5.61 -26.59 -39.25
N PHE D 325 -4.28 -26.52 -39.38
CA PHE D 325 -3.55 -25.38 -39.93
C PHE D 325 -2.11 -25.85 -40.17
N THR D 326 -1.37 -25.21 -41.07
CA THR D 326 -0.02 -25.72 -41.33
C THR D 326 0.77 -25.87 -40.03
N LEU D 327 0.23 -25.37 -38.94
CA LEU D 327 0.98 -25.54 -37.71
C LEU D 327 0.92 -26.98 -37.17
N ASN D 328 -0.06 -27.74 -37.62
CA ASN D 328 -0.29 -29.10 -37.19
C ASN D 328 0.19 -30.01 -38.31
N GLU D 329 -0.01 -29.54 -39.54
CA GLU D 329 0.43 -30.25 -40.73
C GLU D 329 1.93 -30.34 -40.66
N LEU D 330 2.57 -29.34 -40.05
CA LEU D 330 4.04 -29.36 -39.86
C LEU D 330 4.27 -30.11 -38.60
N MET D 331 3.62 -31.25 -38.53
CA MET D 331 3.65 -32.02 -37.33
C MET D 331 3.30 -33.43 -37.70
N THR D 332 2.13 -33.69 -38.24
CA THR D 332 1.93 -35.07 -38.70
C THR D 332 3.03 -35.34 -39.74
N GLN D 333 3.48 -34.29 -40.42
CA GLN D 333 4.46 -34.51 -41.45
C GLN D 333 5.82 -34.46 -40.79
N LEU D 334 5.80 -34.37 -39.47
CA LEU D 334 7.04 -34.34 -38.72
C LEU D 334 7.09 -35.67 -38.02
N GLU D 335 6.18 -36.55 -38.42
CA GLU D 335 6.10 -37.90 -37.87
C GLU D 335 6.24 -38.89 -39.00
N ALA D 336 7.13 -38.59 -39.95
CA ALA D 336 7.29 -39.43 -41.13
C ALA D 336 8.75 -39.56 -41.53
N ILE D 337 9.57 -38.60 -41.11
CA ILE D 337 10.98 -38.68 -41.43
C ILE D 337 11.79 -39.41 -40.35
N GLU D 338 11.44 -39.22 -39.08
CA GLU D 338 12.19 -39.88 -38.02
C GLU D 338 11.33 -40.57 -36.97
N LEU D 364 3.47 -39.29 -49.50
CA LEU D 364 4.50 -38.20 -49.33
C LEU D 364 5.96 -38.70 -49.29
N THR D 365 6.67 -38.39 -50.36
CA THR D 365 8.03 -38.84 -50.57
C THR D 365 9.07 -38.16 -49.71
N GLU D 366 10.06 -38.94 -49.30
CA GLU D 366 11.12 -38.44 -48.45
C GLU D 366 11.37 -36.94 -48.66
N ALA D 367 11.79 -36.58 -49.87
CA ALA D 367 12.12 -35.22 -50.21
C ALA D 367 10.92 -34.31 -50.03
N LYS D 368 9.73 -34.78 -50.33
CA LYS D 368 8.66 -33.82 -50.27
C LYS D 368 8.48 -33.46 -48.85
N ILE D 369 8.26 -34.46 -48.02
CA ILE D 369 8.07 -34.11 -46.63
C ILE D 369 9.02 -33.02 -46.22
N LYS D 370 10.28 -33.21 -46.63
CA LYS D 370 11.42 -32.34 -46.23
C LYS D 370 11.27 -30.97 -46.79
N LYS D 371 11.06 -30.87 -48.08
CA LYS D 371 10.75 -29.56 -48.66
C LYS D 371 9.59 -28.97 -47.94
N TYR D 372 8.51 -29.71 -47.72
CA TYR D 372 7.39 -29.10 -47.00
C TYR D 372 7.82 -28.72 -45.59
N LYS D 373 8.42 -29.66 -44.86
CA LYS D 373 8.86 -29.28 -43.51
C LYS D 373 9.56 -27.97 -43.49
N VAL D 374 10.42 -27.76 -44.47
CA VAL D 374 11.27 -26.55 -44.55
C VAL D 374 10.53 -25.26 -44.95
N ILE D 375 9.61 -25.35 -45.91
CA ILE D 375 8.89 -24.19 -46.36
C ILE D 375 8.09 -23.78 -45.18
N ILE D 376 7.13 -24.60 -44.83
CA ILE D 376 6.35 -24.23 -43.67
C ILE D 376 7.26 -23.74 -42.61
N SER D 377 8.39 -24.39 -42.38
CA SER D 377 9.26 -23.98 -41.28
C SER D 377 9.86 -22.54 -41.37
N SER D 378 9.42 -21.74 -42.35
CA SER D 378 9.91 -20.37 -42.61
C SER D 378 8.77 -19.32 -42.55
N MET D 379 7.56 -19.83 -42.27
CA MET D 379 6.35 -19.07 -42.14
C MET D 379 6.13 -18.43 -40.74
N THR D 380 5.37 -17.34 -40.64
CA THR D 380 5.25 -16.79 -39.30
C THR D 380 4.19 -17.47 -38.48
N LYS D 381 4.13 -17.10 -37.21
CA LYS D 381 3.11 -17.66 -36.38
C LYS D 381 1.84 -17.33 -37.06
N GLU D 382 1.61 -16.05 -37.27
CA GLU D 382 0.33 -15.58 -37.80
C GLU D 382 -0.03 -16.19 -39.12
N GLU D 383 0.98 -16.48 -39.93
CA GLU D 383 0.78 -17.11 -41.22
C GLU D 383 0.44 -18.58 -41.07
N ARG D 384 1.24 -19.26 -40.27
CA ARG D 384 1.06 -20.69 -40.06
C ARG D 384 -0.19 -20.82 -39.29
N GLU D 385 -0.31 -19.97 -38.29
CA GLU D 385 -1.48 -19.98 -37.43
C GLU D 385 -2.69 -20.06 -38.31
N ASN D 386 -3.18 -18.91 -38.77
CA ASN D 386 -4.36 -18.87 -39.60
C ASN D 386 -3.94 -18.29 -40.92
N PRO D 387 -3.55 -19.15 -41.84
CA PRO D 387 -3.05 -18.75 -43.14
C PRO D 387 -4.10 -18.05 -43.98
N LYS D 388 -3.95 -18.12 -45.30
CA LYS D 388 -4.83 -17.42 -46.19
C LYS D 388 -4.33 -16.02 -46.33
N ILE D 389 -3.60 -15.53 -45.33
CA ILE D 389 -3.04 -14.19 -45.39
C ILE D 389 -1.78 -14.33 -46.21
N ILE D 390 -1.48 -15.56 -46.56
CA ILE D 390 -0.34 -15.83 -47.39
C ILE D 390 -0.72 -15.47 -48.82
N LYS D 391 0.02 -14.50 -49.37
CA LYS D 391 -0.20 -13.90 -50.66
C LYS D 391 1.12 -13.88 -51.37
N ALA D 392 1.16 -13.27 -52.54
CA ALA D 392 2.41 -13.18 -53.25
C ALA D 392 3.54 -12.69 -52.37
N SER D 393 3.47 -11.43 -51.99
CA SER D 393 4.50 -10.74 -51.23
C SER D 393 5.00 -11.61 -50.15
N ARG D 394 4.07 -12.31 -49.54
CA ARG D 394 4.37 -13.15 -48.41
C ARG D 394 5.03 -14.39 -48.90
N ILE D 395 4.57 -14.90 -50.04
CA ILE D 395 5.09 -16.12 -50.61
C ILE D 395 6.53 -15.91 -51.07
N ARG D 396 6.77 -14.76 -51.64
CA ARG D 396 8.09 -14.49 -52.17
C ARG D 396 9.13 -14.40 -51.06
N ARG D 397 8.69 -14.07 -49.85
CA ARG D 397 9.63 -13.95 -48.74
C ARG D 397 9.90 -15.26 -48.04
N ILE D 398 8.94 -16.17 -48.09
CA ILE D 398 9.08 -17.52 -47.57
C ILE D 398 9.89 -18.38 -48.55
N ALA D 399 9.42 -18.51 -49.79
CA ALA D 399 10.22 -19.16 -50.81
C ALA D 399 11.58 -18.68 -50.48
N ARG D 400 11.91 -17.52 -50.98
CA ARG D 400 13.24 -17.00 -50.68
C ARG D 400 13.80 -17.25 -49.29
N GLY D 401 12.95 -17.37 -48.31
CA GLY D 401 13.51 -17.52 -46.96
C GLY D 401 13.78 -18.96 -46.59
N SER D 402 13.16 -19.89 -47.31
CA SER D 402 13.33 -21.30 -47.06
C SER D 402 14.30 -21.84 -48.01
N GLY D 403 14.45 -21.18 -49.15
CA GLY D 403 15.40 -21.63 -50.19
C GLY D 403 14.68 -22.43 -51.24
N THR D 404 13.36 -22.35 -51.25
CA THR D 404 12.69 -23.06 -52.30
C THR D 404 12.32 -22.05 -53.38
N THR D 405 11.09 -22.14 -53.88
CA THR D 405 10.65 -21.22 -54.90
C THR D 405 9.16 -20.83 -54.82
N GLU D 406 8.82 -19.89 -55.69
CA GLU D 406 7.50 -19.35 -55.84
C GLU D 406 6.51 -20.48 -55.74
N ASN D 407 6.70 -21.47 -56.60
CA ASN D 407 5.81 -22.60 -56.78
C ASN D 407 5.95 -23.72 -55.75
N ASP D 408 7.15 -23.88 -55.21
CA ASP D 408 7.41 -24.91 -54.22
C ASP D 408 6.55 -24.62 -52.98
N VAL D 409 6.21 -23.36 -52.77
CA VAL D 409 5.42 -23.01 -51.56
C VAL D 409 3.94 -22.98 -51.86
N ARG D 410 3.55 -22.45 -53.01
CA ARG D 410 2.17 -22.54 -53.41
C ARG D 410 1.75 -24.00 -53.31
N GLU D 411 2.64 -24.93 -53.64
CA GLU D 411 2.27 -26.35 -53.52
C GLU D 411 1.94 -26.66 -52.09
N VAL D 412 2.68 -26.09 -51.17
CA VAL D 412 2.43 -26.38 -49.79
C VAL D 412 1.07 -25.78 -49.43
N LEU D 413 0.71 -24.66 -50.03
CA LEU D 413 -0.56 -24.06 -49.70
C LEU D 413 -1.63 -24.83 -50.39
N ARG D 414 -1.25 -25.52 -51.45
CA ARG D 414 -2.22 -26.30 -52.23
C ARG D 414 -2.49 -27.61 -51.53
N TYR D 415 -1.46 -28.11 -50.85
CA TYR D 415 -1.56 -29.38 -50.18
C TYR D 415 -2.32 -29.17 -48.92
N TYR D 416 -1.90 -28.19 -48.19
CA TYR D 416 -2.60 -27.88 -46.97
C TYR D 416 -4.09 -27.78 -47.28
N GLU D 417 -4.52 -26.80 -48.06
CA GLU D 417 -5.93 -26.57 -48.26
C GLU D 417 -6.63 -27.87 -48.59
N THR D 418 -5.91 -28.74 -49.27
CA THR D 418 -6.39 -30.08 -49.62
C THR D 418 -6.60 -30.89 -48.34
N THR D 419 -5.54 -31.28 -47.64
CA THR D 419 -5.71 -32.00 -46.38
C THR D 419 -6.79 -31.38 -45.49
N LYS D 420 -6.64 -30.11 -45.15
CA LYS D 420 -7.66 -29.44 -44.33
C LYS D 420 -9.04 -29.94 -44.72
N ASN D 421 -9.62 -29.30 -45.72
CA ASN D 421 -10.90 -29.73 -46.21
C ASN D 421 -10.62 -31.07 -46.76
N ALA D 422 -10.40 -32.04 -45.90
CA ALA D 422 -10.14 -33.41 -46.34
C ALA D 422 -9.90 -34.30 -45.14
N ILE D 423 -10.51 -33.90 -44.03
CA ILE D 423 -10.46 -34.64 -42.79
C ILE D 423 -11.61 -34.15 -41.95
N ASP D 424 -12.29 -33.10 -42.40
CA ASP D 424 -13.42 -32.60 -41.65
C ASP D 424 -14.55 -33.60 -41.80
N LYS D 425 -15.54 -33.54 -40.91
CA LYS D 425 -16.58 -34.57 -40.91
C LYS D 425 -15.92 -35.95 -40.77
N LEU D 426 -14.89 -36.03 -39.90
CA LEU D 426 -14.04 -37.23 -39.67
C LEU D 426 -14.52 -38.50 -40.34
N HIS D 427 -15.62 -38.96 -40.01
#